data_6PRG
#
_entry.id   6PRG
#
_cell.length_a   49.278
_cell.length_b   118.839
_cell.length_c   146.012
_cell.angle_alpha   90.000
_cell.angle_beta   90.000
_cell.angle_gamma   90.000
#
_symmetry.space_group_name_H-M   'P 21 21 21'
#
loop_
_entity.id
_entity.type
_entity.pdbx_description
1 polymer 'ABC transporter sugar-binding protein'
2 branched alpha-D-galactopyranose-(1-6)-alpha-D-galactopyranose-(1-6)-[beta-D-fructofuranose-(2-1)]alpha-D-glucopyranose
3 non-polymer 'CITRIC ACID'
4 non-polymer 1,2-ETHANEDIOL
5 water water
#
_entity_poly.entity_id   1
_entity_poly.type   'polypeptide(L)'
_entity_poly.pdbx_seq_one_letter_code
;MGSSHHHHHHSSGLVPRGSHSNYGKSADGTVTIEYFNQKKEMTKTLEEITRDFEKENPKIKVKVVNVPNAGEVLKTRVLA
GDVPDVVNIYPQSIELQEWAKAGVFEDLSNKDYLKRVKNGYAEKYAVNEKVYNVPFTANAYGIYYNKDKFEELGLKVPET
WDEFEQLVKDIVAKGQTPFGIAGADAWTLNGYNQLAFATATGGGKEANQYLRYSQPNAIKLSDPIMKDDIKVMDILRING
SKQKNWEGAGYTDVIGAFARGDVLMTPNGSWAITAINEQKPNFKIGTFMIPGKEKGQSLTVGAGDLAWSISATTKHPKEA
NAFVEYMTRPEVMQKYYDVDGSPTAIEGVKQAGEDSPLAGMTEYAFTDRHLVWLQQYWTSEADFHTLTMNYVLTGDKQGM
VNDLNAFFNPMKADVD
;
_entity_poly.pdbx_strand_id   A,B
#
# COMPACT_ATOMS: atom_id res chain seq x y z
N ASP A 28 -33.02 -13.95 35.62
CA ASP A 28 -32.64 -13.12 34.44
C ASP A 28 -32.48 -14.03 33.21
N GLY A 29 -31.49 -14.91 33.28
CA GLY A 29 -31.16 -15.81 32.18
C GLY A 29 -30.20 -15.16 31.18
N THR A 30 -30.28 -13.84 31.07
CA THR A 30 -29.49 -13.07 30.11
C THR A 30 -28.25 -12.50 30.79
N VAL A 31 -27.25 -12.17 29.98
CA VAL A 31 -25.96 -11.67 30.45
C VAL A 31 -25.71 -10.30 29.82
N THR A 32 -25.23 -9.35 30.63
CA THR A 32 -24.93 -8.01 30.17
C THR A 32 -23.42 -7.78 30.14
N ILE A 33 -22.93 -7.39 28.96
CA ILE A 33 -21.54 -7.00 28.78
C ILE A 33 -21.49 -5.53 28.35
N GLU A 34 -20.33 -4.91 28.53
CA GLU A 34 -20.15 -3.50 28.23
C GLU A 34 -19.15 -3.33 27.09
N TYR A 35 -19.53 -2.53 26.09
CA TYR A 35 -18.60 -2.07 25.08
C TYR A 35 -18.34 -0.58 25.27
N PHE A 36 -17.07 -0.23 25.48
CA PHE A 36 -16.62 1.14 25.69
C PHE A 36 -16.14 1.71 24.36
N ASN A 37 -16.96 2.60 23.78
CA ASN A 37 -16.74 3.12 22.44
C ASN A 37 -16.03 4.47 22.52
N GLN A 38 -15.19 4.74 21.51
CA GLN A 38 -14.53 6.03 21.35
C GLN A 38 -14.78 6.56 19.94
N LYS A 39 -15.44 5.74 19.11
CA LYS A 39 -15.82 6.12 17.76
C LYS A 39 -17.16 6.83 17.81
N LYS A 40 -17.13 8.14 18.14
CA LYS A 40 -18.31 8.92 18.42
C LYS A 40 -19.07 9.24 17.13
N GLU A 41 -18.35 9.27 16.01
CA GLU A 41 -18.93 9.61 14.71
C GLU A 41 -19.77 8.44 14.20
N MET A 42 -19.47 7.24 14.70
CA MET A 42 -20.06 6.01 14.18
C MET A 42 -20.98 5.37 15.22
N THR A 43 -21.49 6.19 16.15
CA THR A 43 -22.29 5.72 17.27
C THR A 43 -23.56 5.03 16.76
N LYS A 44 -24.25 5.66 15.80
CA LYS A 44 -25.54 5.21 15.32
C LYS A 44 -25.41 3.82 14.68
N THR A 45 -24.41 3.67 13.81
CA THR A 45 -24.20 2.44 13.05
C THR A 45 -23.77 1.30 13.99
N LEU A 46 -22.94 1.64 14.99
CA LEU A 46 -22.42 0.65 15.92
C LEU A 46 -23.53 0.13 16.83
N GLU A 47 -24.51 1.00 17.13
CA GLU A 47 -25.65 0.62 17.96
C GLU A 47 -26.59 -0.28 17.16
N GLU A 48 -26.63 -0.09 15.84
CA GLU A 48 -27.43 -0.90 14.94
C GLU A 48 -26.83 -2.30 14.84
N ILE A 49 -25.50 -2.36 14.72
CA ILE A 49 -24.75 -3.60 14.64
C ILE A 49 -24.93 -4.37 15.95
N THR A 50 -24.91 -3.63 17.08
CA THR A 50 -25.08 -4.18 18.41
C THR A 50 -26.48 -4.80 18.54
N ARG A 51 -27.48 -4.11 17.99
CA ARG A 51 -28.87 -4.55 18.04
C ARG A 51 -29.04 -5.82 17.19
N ASP A 52 -28.27 -5.92 16.11
CA ASP A 52 -28.29 -7.09 15.23
C ASP A 52 -27.67 -8.28 15.96
N PHE A 53 -26.63 -8.01 16.75
CA PHE A 53 -25.92 -9.02 17.53
C PHE A 53 -26.84 -9.56 18.64
N GLU A 54 -27.64 -8.66 19.23
CA GLU A 54 -28.53 -8.99 20.32
C GLU A 54 -29.71 -9.83 19.81
N LYS A 55 -30.12 -9.56 18.56
CA LYS A 55 -31.22 -10.26 17.93
C LYS A 55 -30.81 -11.70 17.62
N GLU A 56 -29.51 -11.91 17.39
CA GLU A 56 -28.96 -13.21 17.04
C GLU A 56 -28.49 -13.94 18.29
N ASN A 57 -28.22 -13.18 19.35
CA ASN A 57 -27.78 -13.74 20.62
C ASN A 57 -28.72 -13.25 21.74
N PRO A 58 -29.86 -13.95 21.95
CA PRO A 58 -30.89 -13.48 22.89
C PRO A 58 -30.48 -13.50 24.36
N LYS A 59 -29.42 -14.28 24.66
CA LYS A 59 -28.95 -14.46 26.03
C LYS A 59 -27.87 -13.44 26.35
N ILE A 60 -27.60 -12.52 25.40
CA ILE A 60 -26.55 -11.54 25.56
C ILE A 60 -27.12 -10.14 25.29
N LYS A 61 -26.85 -9.22 26.23
CA LYS A 61 -27.16 -7.81 26.07
C LYS A 61 -25.87 -7.02 26.16
N VAL A 62 -25.70 -6.05 25.25
CA VAL A 62 -24.49 -5.26 25.17
C VAL A 62 -24.83 -3.80 25.47
N LYS A 63 -24.09 -3.22 26.43
CA LYS A 63 -24.25 -1.83 26.81
C LYS A 63 -23.16 -1.00 26.16
N VAL A 64 -23.56 -0.15 25.20
CA VAL A 64 -22.63 0.70 24.47
C VAL A 64 -22.45 2.00 25.27
N VAL A 65 -21.19 2.29 25.63
CA VAL A 65 -20.86 3.44 26.45
C VAL A 65 -20.20 4.50 25.58
N ASN A 66 -20.78 5.70 25.58
CA ASN A 66 -20.25 6.87 24.88
C ASN A 66 -20.21 8.04 25.85
N VAL A 67 -19.15 8.10 26.66
CA VAL A 67 -19.01 9.11 27.70
C VAL A 67 -18.04 10.20 27.20
N PRO A 68 -18.24 11.47 27.61
CA PRO A 68 -17.26 12.53 27.34
C PRO A 68 -15.96 12.27 28.09
N ASN A 69 -14.84 12.71 27.50
CA ASN A 69 -13.51 12.56 28.07
C ASN A 69 -13.23 11.08 28.27
N ALA A 70 -13.48 10.28 27.23
CA ALA A 70 -13.50 8.83 27.30
C ALA A 70 -12.13 8.27 27.70
N GLY A 71 -11.07 8.87 27.15
CA GLY A 71 -9.70 8.43 27.41
C GLY A 71 -9.32 8.53 28.88
N GLU A 72 -9.79 9.60 29.54
CA GLU A 72 -9.48 9.85 30.94
C GLU A 72 -10.33 8.94 31.82
N VAL A 73 -11.58 8.70 31.39
CA VAL A 73 -12.51 7.85 32.12
C VAL A 73 -12.00 6.41 32.08
N LEU A 74 -11.45 6.01 30.92
CA LEU A 74 -10.90 4.68 30.73
C LEU A 74 -9.69 4.48 31.64
N LYS A 75 -8.82 5.49 31.69
CA LYS A 75 -7.60 5.46 32.50
C LYS A 75 -7.97 5.27 33.97
N THR A 76 -9.00 6.00 34.41
CA THR A 76 -9.50 5.94 35.78
C THR A 76 -10.00 4.53 36.09
N ARG A 77 -10.72 3.93 35.13
CA ARG A 77 -11.38 2.65 35.33
C ARG A 77 -10.37 1.51 35.31
N VAL A 78 -9.30 1.67 34.51
CA VAL A 78 -8.27 0.65 34.38
C VAL A 78 -7.46 0.60 35.68
N LEU A 79 -7.16 1.78 36.23
CA LEU A 79 -6.40 1.90 37.47
C LEU A 79 -7.18 1.30 38.63
N ALA A 80 -8.52 1.41 38.55
CA ALA A 80 -9.41 0.89 39.58
C ALA A 80 -9.58 -0.61 39.43
N GLY A 81 -9.33 -1.12 38.21
CA GLY A 81 -9.52 -2.53 37.90
C GLY A 81 -10.94 -2.80 37.43
N ASP A 82 -11.66 -1.73 37.09
CA ASP A 82 -13.03 -1.79 36.57
C ASP A 82 -12.99 -1.63 35.06
N VAL A 83 -12.40 -2.63 34.39
CA VAL A 83 -12.18 -2.60 32.96
C VAL A 83 -13.46 -3.03 32.25
N PRO A 84 -13.97 -2.25 31.26
CA PRO A 84 -15.09 -2.68 30.43
C PRO A 84 -14.74 -3.96 29.67
N ASP A 85 -15.78 -4.77 29.41
CA ASP A 85 -15.62 -6.09 28.82
C ASP A 85 -14.90 -5.97 27.47
N VAL A 86 -15.43 -5.13 26.59
CA VAL A 86 -14.82 -4.84 25.30
C VAL A 86 -14.49 -3.36 25.25
N VAL A 87 -13.23 -3.04 24.92
CA VAL A 87 -12.74 -1.67 24.98
C VAL A 87 -12.25 -1.25 23.59
N ASN A 88 -12.78 -0.11 23.12
CA ASN A 88 -12.27 0.55 21.94
C ASN A 88 -11.03 1.36 22.34
N ILE A 89 -9.86 0.77 22.13
CA ILE A 89 -8.58 1.39 22.46
C ILE A 89 -7.70 1.36 21.21
N TYR A 90 -6.97 2.46 20.98
CA TYR A 90 -6.10 2.59 19.83
C TYR A 90 -4.80 1.82 20.08
N PRO A 91 -4.46 0.83 19.22
CA PRO A 91 -3.44 -0.16 19.55
C PRO A 91 -1.99 0.34 19.52
N GLN A 92 -1.81 1.62 19.15
CA GLN A 92 -0.49 2.23 19.12
C GLN A 92 -0.25 3.03 20.40
N SER A 93 -1.34 3.28 21.14
CA SER A 93 -1.30 4.13 22.31
C SER A 93 -0.40 3.54 23.39
N ILE A 94 0.21 4.43 24.18
CA ILE A 94 1.08 4.06 25.29
C ILE A 94 0.25 3.34 26.36
N GLU A 95 -1.06 3.62 26.37
CA GLU A 95 -1.99 2.99 27.30
C GLU A 95 -2.08 1.49 26.99
N LEU A 96 -2.37 1.17 25.72
CA LEU A 96 -2.51 -0.21 25.28
C LEU A 96 -1.22 -0.98 25.56
N GLN A 97 -0.08 -0.35 25.25
CA GLN A 97 1.23 -0.95 25.41
C GLN A 97 1.46 -1.32 26.89
N GLU A 98 1.20 -0.36 27.78
CA GLU A 98 1.50 -0.50 29.20
C GLU A 98 0.49 -1.44 29.86
N TRP A 99 -0.78 -1.36 29.43
CA TRP A 99 -1.85 -2.16 30.01
C TRP A 99 -1.75 -3.60 29.53
N ALA A 100 -1.24 -3.80 28.30
CA ALA A 100 -1.05 -5.13 27.74
C ALA A 100 0.03 -5.87 28.51
N LYS A 101 1.06 -5.12 28.94
CA LYS A 101 2.18 -5.66 29.69
C LYS A 101 1.74 -5.98 31.12
N ALA A 102 0.78 -5.20 31.63
CA ALA A 102 0.31 -5.31 33.00
C ALA A 102 -0.70 -6.45 33.14
N GLY A 103 -1.15 -6.98 32.00
CA GLY A 103 -2.09 -8.09 31.97
C GLY A 103 -3.53 -7.64 32.15
N VAL A 104 -3.84 -6.46 31.60
CA VAL A 104 -5.18 -5.88 31.70
C VAL A 104 -6.07 -6.52 30.63
N PHE A 105 -5.47 -6.91 29.50
CA PHE A 105 -6.23 -7.37 28.35
C PHE A 105 -5.96 -8.86 28.08
N GLU A 106 -6.95 -9.50 27.47
CA GLU A 106 -6.92 -10.91 27.11
C GLU A 106 -5.98 -11.12 25.93
N ASP A 107 -5.20 -12.21 25.99
CA ASP A 107 -4.34 -12.61 24.89
C ASP A 107 -5.20 -13.18 23.77
N LEU A 108 -5.11 -12.57 22.59
CA LEU A 108 -5.98 -12.89 21.47
C LEU A 108 -5.20 -13.57 20.36
N SER A 109 -3.94 -13.93 20.65
CA SER A 109 -3.00 -14.43 19.66
C SER A 109 -3.52 -15.68 18.97
N ASN A 110 -4.25 -16.52 19.71
CA ASN A 110 -4.64 -17.84 19.23
C ASN A 110 -6.16 -17.93 19.07
N LYS A 111 -6.78 -16.80 18.69
CA LYS A 111 -8.20 -16.77 18.40
C LYS A 111 -8.42 -17.12 16.93
N ASP A 112 -9.52 -17.84 16.66
CA ASP A 112 -9.82 -18.32 15.32
C ASP A 112 -10.23 -17.15 14.42
N TYR A 113 -10.86 -16.13 15.03
CA TYR A 113 -11.42 -15.01 14.30
C TYR A 113 -10.33 -14.01 13.90
N LEU A 114 -9.12 -14.19 14.43
CA LEU A 114 -8.01 -13.29 14.19
C LEU A 114 -7.45 -13.50 12.79
N LYS A 115 -7.80 -14.63 12.17
CA LYS A 115 -7.33 -14.99 10.84
C LYS A 115 -8.05 -14.14 9.79
N ARG A 116 -9.07 -13.38 10.22
CA ARG A 116 -9.86 -12.54 9.34
C ARG A 116 -9.18 -11.19 9.16
N VAL A 117 -8.10 -10.95 9.94
CA VAL A 117 -7.33 -9.72 9.87
C VAL A 117 -6.16 -9.93 8.91
N LYS A 118 -6.15 -9.15 7.83
CA LYS A 118 -5.10 -9.21 6.81
C LYS A 118 -4.11 -8.07 7.03
N ASN A 119 -3.16 -7.94 6.10
CA ASN A 119 -2.13 -6.91 6.12
C ASN A 119 -1.22 -7.11 7.33
N GLY A 120 -1.33 -8.28 7.98
CA GLY A 120 -0.65 -8.57 9.23
C GLY A 120 -0.82 -7.44 10.24
N TYR A 121 -2.06 -6.91 10.32
CA TYR A 121 -2.32 -5.64 10.97
C TYR A 121 -2.52 -5.85 12.48
N ALA A 122 -2.91 -7.06 12.86
CA ALA A 122 -3.07 -7.41 14.27
C ALA A 122 -1.70 -7.59 14.92
N GLU A 123 -0.77 -8.18 14.16
CA GLU A 123 0.57 -8.49 14.63
C GLU A 123 1.42 -7.22 14.66
N LYS A 124 0.94 -6.17 13.98
CA LYS A 124 1.65 -4.91 13.84
C LYS A 124 1.78 -4.23 15.19
N TYR A 125 0.76 -4.39 16.04
CA TYR A 125 0.70 -3.74 17.34
C TYR A 125 0.82 -4.77 18.46
N ALA A 126 1.58 -5.83 18.20
CA ALA A 126 1.80 -6.89 19.17
C ALA A 126 2.67 -6.40 20.30
N VAL A 127 2.34 -6.81 21.52
CA VAL A 127 3.10 -6.47 22.71
C VAL A 127 3.69 -7.76 23.28
N ASN A 128 5.02 -7.81 23.34
CA ASN A 128 5.78 -8.99 23.74
C ASN A 128 5.43 -10.15 22.82
N GLU A 129 5.22 -9.81 21.54
CA GLU A 129 4.90 -10.75 20.46
C GLU A 129 3.59 -11.48 20.76
N LYS A 130 2.63 -10.74 21.34
CA LYS A 130 1.30 -11.26 21.61
C LYS A 130 0.27 -10.21 21.21
N VAL A 131 -0.81 -10.66 20.56
CA VAL A 131 -1.87 -9.80 20.08
C VAL A 131 -2.87 -9.56 21.21
N TYR A 132 -3.22 -8.28 21.42
CA TYR A 132 -4.11 -7.88 22.50
C TYR A 132 -5.24 -7.00 21.97
N ASN A 133 -5.22 -6.74 20.66
CA ASN A 133 -6.17 -5.81 20.06
C ASN A 133 -6.50 -6.28 18.64
N VAL A 134 -7.78 -6.13 18.28
CA VAL A 134 -8.24 -6.44 16.93
C VAL A 134 -8.50 -5.12 16.20
N PRO A 135 -7.55 -4.65 15.35
CA PRO A 135 -7.73 -3.41 14.59
C PRO A 135 -8.46 -3.66 13.28
N PHE A 136 -9.78 -3.43 13.31
CA PHE A 136 -10.67 -3.68 12.19
C PHE A 136 -10.37 -2.69 11.06
N THR A 137 -10.20 -1.41 11.43
CA THR A 137 -9.98 -0.35 10.47
C THR A 137 -8.72 0.44 10.85
N ALA A 138 -8.16 1.14 9.86
CA ALA A 138 -7.05 2.06 10.05
C ALA A 138 -7.49 3.46 9.66
N ASN A 139 -7.14 4.44 10.49
CA ASN A 139 -7.42 5.83 10.18
C ASN A 139 -6.24 6.43 9.43
N ALA A 140 -6.52 7.49 8.65
CA ALA A 140 -5.50 8.24 7.94
C ALA A 140 -5.75 9.73 8.16
N TYR A 141 -4.78 10.56 7.74
CA TYR A 141 -4.89 12.00 7.89
C TYR A 141 -4.51 12.68 6.58
N GLY A 142 -5.24 13.75 6.24
CA GLY A 142 -4.98 14.54 5.05
C GLY A 142 -5.83 15.80 5.01
N ILE A 143 -6.07 16.31 3.79
CA ILE A 143 -6.83 17.53 3.58
C ILE A 143 -8.06 17.17 2.76
N TYR A 144 -9.25 17.44 3.33
CA TYR A 144 -10.50 17.38 2.59
C TYR A 144 -10.59 18.62 1.69
N TYR A 145 -11.10 18.43 0.48
CA TYR A 145 -11.22 19.55 -0.45
C TYR A 145 -12.47 19.42 -1.32
N ASN A 146 -12.97 20.57 -1.78
CA ASN A 146 -14.15 20.69 -2.61
C ASN A 146 -13.73 20.55 -4.07
N LYS A 147 -14.09 19.42 -4.69
CA LYS A 147 -13.72 19.12 -6.06
C LYS A 147 -14.37 20.11 -7.02
N ASP A 148 -15.65 20.44 -6.74
CA ASP A 148 -16.44 21.30 -7.61
C ASP A 148 -15.81 22.68 -7.70
N LYS A 149 -15.46 23.24 -6.55
CA LYS A 149 -14.92 24.60 -6.46
C LYS A 149 -13.49 24.64 -6.98
N PHE A 150 -12.76 23.54 -6.79
CA PHE A 150 -11.38 23.42 -7.26
C PHE A 150 -11.35 23.47 -8.80
N GLU A 151 -12.28 22.73 -9.42
CA GLU A 151 -12.38 22.70 -10.87
C GLU A 151 -12.87 24.05 -11.39
N GLU A 152 -13.75 24.69 -10.60
CA GLU A 152 -14.38 25.95 -10.97
C GLU A 152 -13.35 27.08 -10.99
N LEU A 153 -12.42 27.05 -10.04
CA LEU A 153 -11.46 28.12 -9.86
C LEU A 153 -10.13 27.78 -10.56
N GLY A 154 -10.08 26.59 -11.15
CA GLY A 154 -8.90 26.13 -11.88
C GLY A 154 -7.74 25.80 -10.95
N LEU A 155 -8.06 25.16 -9.82
CA LEU A 155 -7.08 24.80 -8.81
C LEU A 155 -6.78 23.31 -8.94
N LYS A 156 -5.56 22.93 -8.51
CA LYS A 156 -5.11 21.54 -8.56
C LYS A 156 -4.58 21.13 -7.20
N VAL A 157 -4.61 19.81 -6.95
CA VAL A 157 -4.04 19.20 -5.76
C VAL A 157 -2.53 19.48 -5.75
N PRO A 158 -1.98 20.03 -4.65
CA PRO A 158 -0.55 20.33 -4.57
C PRO A 158 0.29 19.07 -4.38
N GLU A 159 1.50 19.09 -4.94
CA GLU A 159 2.42 17.96 -4.87
C GLU A 159 3.68 18.35 -4.10
N THR A 160 3.80 19.64 -3.78
CA THR A 160 4.92 20.16 -3.00
C THR A 160 4.40 21.15 -1.96
N TRP A 161 5.26 21.50 -0.99
CA TRP A 161 4.95 22.52 0.00
C TRP A 161 4.66 23.85 -0.68
N ASP A 162 5.50 24.20 -1.65
CA ASP A 162 5.44 25.47 -2.35
C ASP A 162 4.12 25.60 -3.12
N GLU A 163 3.66 24.48 -3.67
CA GLU A 163 2.41 24.44 -4.42
C GLU A 163 1.22 24.56 -3.47
N PHE A 164 1.39 24.05 -2.24
CA PHE A 164 0.36 24.12 -1.21
C PHE A 164 0.23 25.57 -0.72
N GLU A 165 1.37 26.26 -0.62
CA GLU A 165 1.41 27.67 -0.26
C GLU A 165 0.64 28.49 -1.29
N GLN A 166 0.92 28.21 -2.58
CA GLN A 166 0.40 28.97 -3.70
C GLN A 166 -1.10 28.72 -3.85
N LEU A 167 -1.52 27.48 -3.58
CA LEU A 167 -2.92 27.07 -3.67
C LEU A 167 -3.75 27.91 -2.71
N VAL A 168 -3.25 28.07 -1.47
CA VAL A 168 -3.94 28.80 -0.42
C VAL A 168 -4.05 30.28 -0.83
N LYS A 169 -2.98 30.82 -1.39
CA LYS A 169 -2.91 32.22 -1.79
C LYS A 169 -3.86 32.48 -2.95
N ASP A 170 -3.97 31.51 -3.86
CA ASP A 170 -4.82 31.63 -5.05
C ASP A 170 -6.29 31.67 -4.64
N ILE A 171 -6.64 30.89 -3.61
CA ILE A 171 -8.01 30.80 -3.12
C ILE A 171 -8.41 32.13 -2.50
N VAL A 172 -7.50 32.72 -1.72
CA VAL A 172 -7.72 34.01 -1.07
C VAL A 172 -7.93 35.08 -2.13
N ALA A 173 -7.13 35.01 -3.20
CA ALA A 173 -7.17 35.98 -4.29
C ALA A 173 -8.48 35.89 -5.05
N LYS A 174 -9.09 34.69 -5.06
CA LYS A 174 -10.36 34.47 -5.73
C LYS A 174 -11.52 34.83 -4.82
N GLY A 175 -11.20 35.23 -3.59
CA GLY A 175 -12.18 35.74 -2.64
C GLY A 175 -12.91 34.62 -1.89
N GLN A 176 -12.23 33.48 -1.72
CA GLN A 176 -12.78 32.33 -1.02
C GLN A 176 -11.91 32.02 0.20
N THR A 177 -12.49 31.29 1.15
CA THR A 177 -11.79 30.88 2.36
C THR A 177 -11.16 29.51 2.13
N PRO A 178 -9.81 29.40 2.17
CA PRO A 178 -9.12 28.13 2.00
C PRO A 178 -9.46 27.06 3.04
N PHE A 179 -9.33 27.41 4.33
CA PHE A 179 -9.36 26.42 5.39
C PHE A 179 -10.48 26.70 6.39
N GLY A 180 -11.06 25.61 6.91
CA GLY A 180 -11.80 25.62 8.16
C GLY A 180 -10.97 24.95 9.26
N ILE A 181 -10.66 25.72 10.31
CA ILE A 181 -9.81 25.26 11.40
C ILE A 181 -10.61 25.32 12.70
N ALA A 182 -10.58 24.21 13.45
CA ALA A 182 -11.25 24.11 14.73
C ALA A 182 -10.30 24.57 15.83
N GLY A 183 -10.24 25.89 16.02
CA GLY A 183 -9.31 26.54 16.94
C GLY A 183 -9.53 26.11 18.40
N ALA A 184 -10.75 25.64 18.71
CA ALA A 184 -11.10 25.20 20.05
C ALA A 184 -10.67 23.75 20.26
N ASP A 185 -10.55 23.00 19.15
CA ASP A 185 -10.19 21.59 19.21
C ASP A 185 -8.79 21.41 18.60
N ALA A 186 -7.79 21.40 19.48
CA ALA A 186 -6.38 21.36 19.08
C ALA A 186 -6.02 20.00 18.49
N TRP A 187 -6.78 18.96 18.85
CA TRP A 187 -6.50 17.60 18.46
C TRP A 187 -6.67 17.40 16.95
N THR A 188 -7.40 18.33 16.31
CA THR A 188 -7.73 18.22 14.89
C THR A 188 -6.48 18.44 14.04
N LEU A 189 -5.46 19.10 14.60
CA LEU A 189 -4.26 19.44 13.86
C LEU A 189 -3.09 18.57 14.31
N ASN A 190 -3.38 17.52 15.08
CA ASN A 190 -2.36 16.58 15.54
C ASN A 190 -1.67 15.95 14.34
N GLY A 191 -2.48 15.46 13.39
CA GLY A 191 -1.99 14.78 12.20
C GLY A 191 -1.22 15.73 11.28
N TYR A 192 -1.59 17.01 11.29
CA TYR A 192 -1.01 18.00 10.39
C TYR A 192 0.45 18.25 10.76
N ASN A 193 0.70 18.49 12.05
CA ASN A 193 2.03 18.85 12.52
C ASN A 193 2.93 17.62 12.55
N GLN A 194 2.33 16.45 12.76
CA GLN A 194 3.06 15.18 12.76
C GLN A 194 3.59 14.91 11.35
N LEU A 195 2.78 15.25 10.34
CA LEU A 195 3.16 15.04 8.95
C LEU A 195 4.10 16.15 8.49
N ALA A 196 4.02 17.31 9.17
CA ALA A 196 4.93 18.42 8.91
C ALA A 196 6.36 17.99 9.26
N PHE A 197 6.50 17.27 10.38
CA PHE A 197 7.79 16.77 10.84
C PHE A 197 8.21 15.55 10.02
N ALA A 198 7.23 14.72 9.65
CA ALA A 198 7.48 13.48 8.92
C ALA A 198 8.06 13.78 7.53
N THR A 199 7.45 14.75 6.84
CA THR A 199 7.85 15.11 5.49
C THR A 199 9.16 15.91 5.53
N ALA A 200 9.42 16.58 6.66
CA ALA A 200 10.60 17.41 6.82
C ALA A 200 11.83 16.54 7.10
N THR A 201 11.61 15.38 7.73
CA THR A 201 12.71 14.53 8.19
C THR A 201 12.90 13.36 7.22
N GLY A 202 11.80 12.81 6.71
CA GLY A 202 11.86 11.74 5.72
C GLY A 202 10.96 10.56 6.07
N GLY A 203 10.35 10.60 7.27
CA GLY A 203 9.44 9.55 7.71
C GLY A 203 9.11 9.65 9.19
N GLY A 204 8.48 8.60 9.72
CA GLY A 204 8.02 8.54 11.09
C GLY A 204 9.16 8.36 12.08
N LYS A 205 10.08 7.43 11.77
CA LYS A 205 11.20 7.12 12.63
C LYS A 205 12.16 8.31 12.68
N GLU A 206 12.29 9.01 11.56
CA GLU A 206 13.17 10.16 11.44
C GLU A 206 12.60 11.33 12.23
N ALA A 207 11.26 11.42 12.28
CA ALA A 207 10.57 12.48 12.98
C ALA A 207 10.76 12.32 14.50
N ASN A 208 10.71 11.06 14.96
CA ASN A 208 10.84 10.77 16.38
C ASN A 208 12.29 10.79 16.81
N GLN A 209 13.21 10.70 15.84
CA GLN A 209 14.63 10.82 16.12
C GLN A 209 14.98 12.27 16.41
N TYR A 210 14.27 13.19 15.74
CA TYR A 210 14.51 14.62 15.89
C TYR A 210 13.82 15.13 17.16
N LEU A 211 12.63 14.59 17.46
CA LEU A 211 11.79 15.13 18.51
C LEU A 211 12.00 14.38 19.82
N ARG A 212 11.90 13.05 19.78
CA ARG A 212 11.74 12.24 20.98
C ARG A 212 13.09 11.70 21.45
N TYR A 213 13.89 11.17 20.51
CA TYR A 213 15.11 10.44 20.87
C TYR A 213 16.34 11.31 20.68
N SER A 214 16.13 12.63 20.57
CA SER A 214 17.22 13.59 20.55
C SER A 214 17.63 13.93 21.98
N GLN A 215 18.65 14.78 22.12
CA GLN A 215 19.13 15.23 23.42
C GLN A 215 18.12 16.20 24.02
N PRO A 216 18.11 16.39 25.37
CA PRO A 216 17.31 17.45 25.98
C PRO A 216 17.69 18.83 25.43
N ASN A 217 16.67 19.58 25.00
CA ASN A 217 16.81 20.94 24.51
C ASN A 217 17.55 20.97 23.16
N ALA A 218 17.42 19.87 22.39
CA ALA A 218 18.12 19.74 21.13
C ALA A 218 17.39 20.49 20.02
N ILE A 219 16.07 20.64 20.18
CA ILE A 219 15.23 21.29 19.18
C ILE A 219 15.44 22.80 19.26
N LYS A 220 15.89 23.39 18.14
CA LYS A 220 16.22 24.80 18.07
C LYS A 220 15.53 25.43 16.86
N LEU A 221 15.36 26.75 16.91
CA LEU A 221 14.72 27.52 15.86
C LEU A 221 15.58 27.50 14.60
N SER A 222 16.91 27.42 14.79
CA SER A 222 17.87 27.53 13.71
C SER A 222 17.99 26.21 12.94
N ASP A 223 17.41 25.14 13.48
CA ASP A 223 17.45 23.83 12.85
C ASP A 223 16.72 23.86 11.52
N PRO A 224 17.33 23.35 10.42
CA PRO A 224 16.67 23.29 9.12
C PRO A 224 15.36 22.51 9.14
N ILE A 225 15.31 21.46 9.97
CA ILE A 225 14.12 20.64 10.14
C ILE A 225 13.01 21.47 10.78
N MET A 226 13.39 22.32 11.75
CA MET A 226 12.45 23.16 12.46
C MET A 226 11.92 24.26 11.55
N LYS A 227 12.79 24.76 10.67
CA LYS A 227 12.44 25.78 9.68
C LYS A 227 11.41 25.21 8.71
N ASP A 228 11.59 23.94 8.33
CA ASP A 228 10.70 23.26 7.40
C ASP A 228 9.36 23.01 8.06
N ASP A 229 9.38 22.69 9.36
CA ASP A 229 8.17 22.46 10.14
C ASP A 229 7.34 23.74 10.19
N ILE A 230 8.04 24.86 10.42
CA ILE A 230 7.41 26.17 10.53
C ILE A 230 6.81 26.55 9.18
N LYS A 231 7.54 26.22 8.10
CA LYS A 231 7.10 26.50 6.73
C LYS A 231 5.78 25.80 6.45
N VAL A 232 5.65 24.55 6.91
CA VAL A 232 4.46 23.75 6.67
C VAL A 232 3.32 24.27 7.55
N MET A 233 3.64 24.69 8.78
CA MET A 233 2.66 25.20 9.72
C MET A 233 2.18 26.58 9.27
N ASP A 234 3.04 27.31 8.56
CA ASP A 234 2.75 28.67 8.13
C ASP A 234 1.78 28.68 6.95
N ILE A 235 1.51 27.49 6.39
CA ILE A 235 0.52 27.35 5.33
C ILE A 235 -0.86 27.65 5.90
N LEU A 236 -1.03 27.38 7.20
CA LEU A 236 -2.29 27.63 7.89
C LEU A 236 -2.32 29.03 8.48
N ARG A 237 -1.27 29.83 8.19
CA ARG A 237 -1.13 31.16 8.73
CA ARG A 237 -1.15 31.16 8.74
C ARG A 237 -1.08 32.20 7.62
N ILE A 238 -1.24 31.73 6.37
CA ILE A 238 -1.26 32.61 5.21
C ILE A 238 -2.43 33.58 5.36
N ASN A 239 -2.22 34.83 4.91
CA ASN A 239 -3.18 35.91 5.10
C ASN A 239 -4.54 35.50 4.52
N GLY A 240 -5.54 35.48 5.41
CA GLY A 240 -6.93 35.21 5.05
C GLY A 240 -7.18 33.75 4.71
N SER A 241 -6.46 32.84 5.38
CA SER A 241 -6.51 31.42 5.06
C SER A 241 -7.63 30.72 5.83
N LYS A 242 -8.03 31.30 6.97
CA LYS A 242 -8.98 30.65 7.87
C LYS A 242 -10.28 31.44 7.90
N GLN A 243 -11.35 30.77 8.35
CA GLN A 243 -12.68 31.34 8.40
C GLN A 243 -12.79 32.32 9.57
N LYS A 244 -13.79 33.20 9.51
CA LYS A 244 -14.08 34.15 10.58
C LYS A 244 -14.52 33.36 11.82
N ASN A 245 -13.97 33.76 12.97
CA ASN A 245 -14.29 33.18 14.27
C ASN A 245 -13.80 31.73 14.35
N TRP A 246 -12.64 31.46 13.75
CA TRP A 246 -12.07 30.13 13.74
C TRP A 246 -11.48 29.80 15.11
N GLU A 247 -11.06 30.85 15.84
CA GLU A 247 -10.36 30.71 17.11
C GLU A 247 -11.19 29.90 18.10
N GLY A 248 -12.52 30.09 18.06
CA GLY A 248 -13.43 29.45 18.99
C GLY A 248 -14.29 28.37 18.32
N ALA A 249 -13.98 28.07 17.06
CA ALA A 249 -14.72 27.08 16.29
C ALA A 249 -14.34 25.67 16.73
N GLY A 250 -15.33 24.77 16.73
CA GLY A 250 -15.13 23.39 17.13
C GLY A 250 -15.10 22.44 15.93
N TYR A 251 -14.89 21.15 16.23
CA TYR A 251 -14.81 20.08 15.24
C TYR A 251 -16.11 20.02 14.44
N THR A 252 -17.24 20.15 15.14
CA THR A 252 -18.57 20.08 14.55
C THR A 252 -18.82 21.29 13.65
N ASP A 253 -18.34 22.46 14.10
CA ASP A 253 -18.54 23.72 13.39
C ASP A 253 -17.85 23.67 12.03
N VAL A 254 -16.65 23.08 12.01
CA VAL A 254 -15.79 23.07 10.84
C VAL A 254 -16.32 22.05 9.83
N ILE A 255 -16.88 20.94 10.34
CA ILE A 255 -17.52 19.95 9.50
C ILE A 255 -18.67 20.62 8.74
N GLY A 256 -19.45 21.43 9.46
CA GLY A 256 -20.56 22.17 8.89
C GLY A 256 -20.10 23.21 7.88
N ALA A 257 -18.99 23.89 8.20
CA ALA A 257 -18.44 24.94 7.36
C ALA A 257 -17.99 24.39 6.02
N PHE A 258 -17.35 23.22 6.04
CA PHE A 258 -16.85 22.57 4.84
C PHE A 258 -18.01 22.03 4.01
N ALA A 259 -18.99 21.42 4.70
CA ALA A 259 -20.10 20.74 4.05
C ALA A 259 -20.99 21.73 3.32
N ARG A 260 -21.13 22.94 3.88
CA ARG A 260 -21.94 23.99 3.29
C ARG A 260 -21.18 24.66 2.15
N GLY A 261 -19.86 24.50 2.15
CA GLY A 261 -18.99 25.05 1.12
C GLY A 261 -18.51 26.46 1.47
N ASP A 262 -18.49 26.77 2.77
CA ASP A 262 -18.01 28.05 3.27
C ASP A 262 -16.48 28.09 3.18
N VAL A 263 -15.86 26.93 3.41
CA VAL A 263 -14.42 26.76 3.24
C VAL A 263 -14.19 25.67 2.19
N LEU A 264 -13.05 25.77 1.50
CA LEU A 264 -12.77 24.87 0.38
C LEU A 264 -12.01 23.64 0.87
N MET A 265 -11.31 23.77 2.00
CA MET A 265 -10.49 22.70 2.53
C MET A 265 -10.62 22.64 4.06
N THR A 266 -10.35 21.46 4.61
CA THR A 266 -10.19 21.28 6.06
C THR A 266 -9.23 20.13 6.33
N PRO A 267 -8.18 20.33 7.15
CA PRO A 267 -7.28 19.25 7.56
C PRO A 267 -7.86 18.44 8.71
N ASN A 268 -8.02 17.14 8.49
CA ASN A 268 -8.58 16.25 9.49
C ASN A 268 -8.31 14.80 9.10
N GLY A 269 -8.61 13.88 10.03
CA GLY A 269 -8.46 12.45 9.80
C GLY A 269 -9.62 11.89 8.97
N SER A 270 -9.51 10.61 8.62
CA SER A 270 -10.50 9.92 7.79
C SER A 270 -11.79 9.68 8.58
N TRP A 271 -11.76 10.00 9.87
CA TRP A 271 -12.87 9.77 10.78
C TRP A 271 -13.98 10.79 10.55
N ALA A 272 -13.67 11.87 9.83
CA ALA A 272 -14.55 13.03 9.72
C ALA A 272 -15.53 12.89 8.56
N ILE A 273 -15.19 12.04 7.57
CA ILE A 273 -15.94 11.99 6.31
C ILE A 273 -17.38 11.56 6.54
N THR A 274 -17.60 10.66 7.51
CA THR A 274 -18.92 10.14 7.81
C THR A 274 -19.82 11.27 8.34
N ALA A 275 -19.21 12.19 9.10
CA ALA A 275 -19.92 13.31 9.68
C ALA A 275 -20.16 14.38 8.62
N ILE A 276 -19.24 14.48 7.65
CA ILE A 276 -19.36 15.44 6.55
C ILE A 276 -20.48 15.00 5.62
N ASN A 277 -20.57 13.69 5.38
CA ASN A 277 -21.57 13.11 4.49
C ASN A 277 -22.96 13.28 5.09
N GLU A 278 -23.05 13.27 6.43
CA GLU A 278 -24.31 13.38 7.14
C GLU A 278 -24.89 14.78 7.00
N GLN A 279 -24.02 15.75 6.68
CA GLN A 279 -24.41 17.14 6.52
C GLN A 279 -24.94 17.39 5.11
N LYS A 280 -24.84 16.35 4.26
CA LYS A 280 -25.35 16.36 2.89
C LYS A 280 -24.74 17.52 2.11
N PRO A 281 -23.45 17.44 1.71
CA PRO A 281 -22.83 18.50 0.91
C PRO A 281 -23.35 18.50 -0.52
N ASN A 282 -23.36 19.68 -1.14
CA ASN A 282 -23.86 19.85 -2.50
C ASN A 282 -22.69 19.92 -3.47
N PHE A 283 -21.68 19.06 -3.24
CA PHE A 283 -20.49 18.99 -4.08
C PHE A 283 -19.80 17.64 -3.86
N LYS A 284 -18.90 17.30 -4.80
CA LYS A 284 -18.09 16.09 -4.69
C LYS A 284 -16.92 16.37 -3.77
N ILE A 285 -16.71 15.50 -2.78
CA ILE A 285 -15.63 15.63 -1.83
C ILE A 285 -14.43 14.85 -2.34
N GLY A 286 -13.25 15.46 -2.21
CA GLY A 286 -11.98 14.79 -2.45
C GLY A 286 -11.03 14.97 -1.26
N THR A 287 -9.95 14.20 -1.25
CA THR A 287 -8.90 14.34 -0.26
C THR A 287 -7.54 14.32 -0.96
N PHE A 288 -6.55 14.95 -0.33
CA PHE A 288 -5.17 14.85 -0.77
C PHE A 288 -4.24 14.77 0.44
N MET A 289 -3.15 14.03 0.28
CA MET A 289 -2.13 13.88 1.31
C MET A 289 -1.32 15.17 1.40
N ILE A 290 -0.88 15.49 2.62
CA ILE A 290 0.02 16.61 2.85
C ILE A 290 1.31 16.32 2.10
N PRO A 291 1.72 17.18 1.14
CA PRO A 291 2.88 16.91 0.28
C PRO A 291 4.19 17.09 1.03
N GLY A 292 5.28 16.59 0.43
CA GLY A 292 6.62 16.83 0.90
C GLY A 292 7.22 18.09 0.29
N LYS A 293 8.54 18.23 0.38
CA LYS A 293 9.24 19.37 -0.20
C LYS A 293 9.21 19.27 -1.72
N GLU A 294 9.38 18.04 -2.23
CA GLU A 294 9.40 17.77 -3.66
C GLU A 294 8.26 16.81 -4.02
N LYS A 295 8.06 16.61 -5.33
CA LYS A 295 7.00 15.76 -5.84
C LYS A 295 7.26 14.31 -5.46
N GLY A 296 6.20 13.65 -4.98
CA GLY A 296 6.26 12.23 -4.62
C GLY A 296 6.92 11.99 -3.26
N GLN A 297 6.72 12.95 -2.34
CA GLN A 297 7.28 12.86 -1.00
C GLN A 297 6.17 13.01 0.04
N SER A 298 4.92 12.81 -0.40
CA SER A 298 3.75 12.96 0.46
C SER A 298 3.61 11.75 1.38
N LEU A 299 3.07 11.98 2.57
CA LEU A 299 2.90 10.95 3.58
C LEU A 299 1.52 11.09 4.23
N THR A 300 1.07 10.01 4.88
CA THR A 300 -0.11 10.04 5.74
C THR A 300 0.24 9.36 7.06
N VAL A 301 -0.56 9.65 8.09
CA VAL A 301 -0.34 9.12 9.42
C VAL A 301 -1.64 8.50 9.95
N GLY A 302 -1.51 7.41 10.71
CA GLY A 302 -2.65 6.78 11.33
C GLY A 302 -2.34 5.41 11.93
N ALA A 303 -3.34 4.84 12.62
CA ALA A 303 -3.27 3.52 13.21
C ALA A 303 -4.68 2.94 13.30
N GLY A 304 -4.85 1.89 14.13
CA GLY A 304 -6.13 1.24 14.35
C GLY A 304 -7.18 2.24 14.83
N ASP A 305 -8.33 2.26 14.14
CA ASP A 305 -9.40 3.20 14.39
C ASP A 305 -10.47 2.51 15.23
N LEU A 306 -11.33 1.72 14.56
CA LEU A 306 -12.18 0.76 15.23
C LEU A 306 -11.31 -0.42 15.63
N ALA A 307 -10.86 -0.42 16.89
CA ALA A 307 -9.91 -1.40 17.39
C ALA A 307 -10.29 -1.80 18.81
N TRP A 308 -10.60 -3.10 18.99
CA TRP A 308 -11.17 -3.58 20.23
C TRP A 308 -10.19 -4.47 20.98
N SER A 309 -10.26 -4.38 22.32
CA SER A 309 -9.55 -5.26 23.23
C SER A 309 -10.54 -5.82 24.25
N ILE A 310 -10.22 -7.02 24.78
CA ILE A 310 -11.08 -7.69 25.74
C ILE A 310 -10.40 -7.66 27.11
N SER A 311 -11.18 -7.34 28.14
CA SER A 311 -10.72 -7.37 29.52
C SER A 311 -10.30 -8.79 29.90
N ALA A 312 -9.16 -8.89 30.60
CA ALA A 312 -8.64 -10.17 31.06
C ALA A 312 -9.42 -10.65 32.28
N THR A 313 -10.15 -9.72 32.91
CA THR A 313 -10.88 -9.99 34.14
C THR A 313 -12.38 -9.85 33.90
N THR A 314 -12.82 -10.02 32.64
CA THR A 314 -14.23 -9.99 32.30
C THR A 314 -14.92 -11.18 32.96
N LYS A 315 -16.14 -10.94 33.47
CA LYS A 315 -16.95 -11.96 34.11
C LYS A 315 -17.57 -12.86 33.04
N HIS A 316 -17.63 -12.34 31.81
CA HIS A 316 -18.26 -13.04 30.69
C HIS A 316 -17.33 -13.04 29.48
N PRO A 317 -16.29 -13.91 29.46
CA PRO A 317 -15.31 -13.93 28.37
C PRO A 317 -15.84 -14.54 27.07
N LYS A 318 -16.81 -15.44 27.19
CA LYS A 318 -17.40 -16.12 26.04
C LYS A 318 -18.23 -15.12 25.23
N GLU A 319 -18.94 -14.23 25.94
CA GLU A 319 -19.84 -13.26 25.35
C GLU A 319 -19.03 -12.12 24.71
N ALA A 320 -17.93 -11.76 25.38
CA ALA A 320 -17.07 -10.68 24.92
C ALA A 320 -16.35 -11.08 23.63
N ASN A 321 -15.91 -12.34 23.57
CA ASN A 321 -15.26 -12.89 22.39
C ASN A 321 -16.27 -13.00 21.25
N ALA A 322 -17.52 -13.31 21.60
CA ALA A 322 -18.60 -13.47 20.63
C ALA A 322 -18.94 -12.13 19.97
N PHE A 323 -18.81 -11.04 20.74
CA PHE A 323 -19.10 -9.71 20.24
C PHE A 323 -18.01 -9.24 19.30
N VAL A 324 -16.75 -9.61 19.61
CA VAL A 324 -15.59 -9.24 18.81
C VAL A 324 -15.60 -10.07 17.53
N GLU A 325 -15.94 -11.36 17.66
CA GLU A 325 -16.01 -12.28 16.53
C GLU A 325 -17.05 -11.78 15.53
N TYR A 326 -18.16 -11.24 16.04
CA TYR A 326 -19.26 -10.77 15.21
C TYR A 326 -18.81 -9.64 14.29
N MET A 327 -17.93 -8.78 14.81
CA MET A 327 -17.48 -7.60 14.10
C MET A 327 -16.49 -7.98 13.00
N THR A 328 -15.87 -9.16 13.12
CA THR A 328 -14.88 -9.62 12.17
C THR A 328 -15.55 -10.24 10.95
N ARG A 329 -16.87 -10.45 11.03
CA ARG A 329 -17.64 -11.05 9.95
C ARG A 329 -17.70 -10.07 8.77
N PRO A 330 -17.54 -10.56 7.52
CA PRO A 330 -17.46 -9.68 6.35
C PRO A 330 -18.74 -8.88 6.09
N GLU A 331 -19.90 -9.47 6.43
CA GLU A 331 -21.18 -8.83 6.17
C GLU A 331 -21.48 -7.80 7.25
N VAL A 332 -20.77 -7.89 8.38
CA VAL A 332 -20.97 -6.99 9.51
C VAL A 332 -20.06 -5.77 9.34
N MET A 333 -18.81 -6.01 8.94
CA MET A 333 -17.84 -4.95 8.72
C MET A 333 -18.24 -4.10 7.51
N GLN A 334 -18.85 -4.74 6.51
CA GLN A 334 -19.30 -4.08 5.30
C GLN A 334 -20.30 -2.99 5.67
N LYS A 335 -21.18 -3.30 6.63
CA LYS A 335 -22.19 -2.37 7.11
C LYS A 335 -21.51 -1.16 7.76
N TYR A 336 -20.45 -1.42 8.53
CA TYR A 336 -19.70 -0.37 9.20
C TYR A 336 -18.93 0.45 8.17
N TYR A 337 -18.25 -0.23 7.24
CA TYR A 337 -17.37 0.39 6.27
C TYR A 337 -18.16 1.33 5.36
N ASP A 338 -19.37 0.92 4.99
CA ASP A 338 -20.19 1.66 4.03
C ASP A 338 -20.60 3.02 4.59
N VAL A 339 -20.49 3.18 5.92
CA VAL A 339 -20.84 4.42 6.59
C VAL A 339 -19.56 5.15 6.97
N ASP A 340 -18.59 4.42 7.54
CA ASP A 340 -17.34 4.99 8.04
C ASP A 340 -16.46 5.40 6.87
N GLY A 341 -15.95 4.42 6.13
CA GLY A 341 -15.21 4.67 4.90
C GLY A 341 -13.70 4.47 5.06
N SER A 342 -13.22 4.40 6.30
CA SER A 342 -11.80 4.26 6.59
C SER A 342 -11.30 2.88 6.15
N PRO A 343 -10.03 2.77 5.67
CA PRO A 343 -9.48 1.48 5.22
C PRO A 343 -9.61 0.39 6.28
N THR A 344 -10.00 -0.80 5.82
CA THR A 344 -10.23 -1.94 6.71
C THR A 344 -9.20 -3.02 6.44
N ALA A 345 -8.92 -3.83 7.47
CA ALA A 345 -7.97 -4.93 7.38
C ALA A 345 -8.72 -6.26 7.42
N ILE A 346 -10.05 -6.19 7.45
CA ILE A 346 -10.90 -7.36 7.57
C ILE A 346 -11.14 -7.96 6.18
N GLU A 347 -11.10 -9.30 6.13
CA GLU A 347 -11.25 -10.06 4.90
C GLU A 347 -12.69 -9.97 4.39
N GLY A 348 -12.83 -9.98 3.06
CA GLY A 348 -14.11 -10.13 2.39
C GLY A 348 -14.93 -8.85 2.36
N VAL A 349 -14.29 -7.72 2.68
CA VAL A 349 -14.96 -6.42 2.69
C VAL A 349 -14.62 -5.70 1.39
N LYS A 350 -15.67 -5.33 0.63
CA LYS A 350 -15.50 -4.59 -0.60
C LYS A 350 -15.22 -3.13 -0.28
N GLN A 351 -14.06 -2.64 -0.72
CA GLN A 351 -13.63 -1.27 -0.47
C GLN A 351 -13.90 -0.43 -1.71
N ALA A 352 -14.04 0.89 -1.48
CA ALA A 352 -14.41 1.84 -2.52
C ALA A 352 -13.25 2.06 -3.49
N GLY A 353 -13.57 2.60 -4.67
CA GLY A 353 -12.61 2.79 -5.75
C GLY A 353 -11.84 4.11 -5.62
N GLU A 354 -11.50 4.69 -6.77
CA GLU A 354 -10.68 5.89 -6.84
C GLU A 354 -11.58 7.14 -6.87
N ASP A 355 -12.89 6.92 -6.92
CA ASP A 355 -13.86 8.00 -7.03
C ASP A 355 -14.36 8.42 -5.66
N SER A 356 -13.99 7.64 -4.63
CA SER A 356 -14.42 7.87 -3.26
C SER A 356 -13.75 9.12 -2.70
N PRO A 357 -14.39 9.83 -1.74
CA PRO A 357 -13.78 11.00 -1.11
C PRO A 357 -12.41 10.77 -0.47
N LEU A 358 -12.24 9.61 0.17
CA LEU A 358 -11.05 9.31 0.95
C LEU A 358 -9.93 8.76 0.07
N ALA A 359 -10.18 8.67 -1.25
CA ALA A 359 -9.27 8.04 -2.19
C ALA A 359 -7.85 8.62 -2.07
N GLY A 360 -7.76 9.95 -2.07
CA GLY A 360 -6.48 10.64 -2.04
C GLY A 360 -5.73 10.43 -0.72
N MET A 361 -6.49 10.42 0.38
CA MET A 361 -5.94 10.32 1.73
C MET A 361 -5.48 8.90 2.01
N THR A 362 -6.19 7.91 1.42
CA THR A 362 -6.06 6.53 1.83
C THR A 362 -5.50 5.68 0.68
N GLU A 363 -4.81 6.33 -0.27
CA GLU A 363 -4.29 5.64 -1.44
C GLU A 363 -3.10 4.77 -1.04
N TYR A 364 -2.37 5.19 0.00
CA TYR A 364 -1.17 4.51 0.44
C TYR A 364 -1.39 3.84 1.81
N ALA A 365 -2.64 3.44 2.07
CA ALA A 365 -2.97 2.75 3.31
C ALA A 365 -2.26 1.41 3.36
N PHE A 366 -1.70 1.09 4.54
CA PHE A 366 -1.03 -0.18 4.82
C PHE A 366 0.29 -0.28 4.05
N THR A 367 0.90 0.87 3.73
CA THR A 367 2.21 0.89 3.09
C THR A 367 3.18 1.67 3.98
N ASP A 368 4.40 1.87 3.47
CA ASP A 368 5.47 2.57 4.18
C ASP A 368 5.14 4.05 4.30
N ARG A 369 4.26 4.54 3.41
CA ARG A 369 3.89 5.94 3.37
C ARG A 369 2.73 6.21 4.34
N HIS A 370 2.26 5.15 5.00
CA HIS A 370 1.24 5.25 6.04
C HIS A 370 1.86 4.92 7.39
N LEU A 371 2.51 5.93 7.99
CA LEU A 371 3.26 5.76 9.21
C LEU A 371 2.33 5.81 10.43
N VAL A 372 2.76 5.17 11.51
CA VAL A 372 2.00 5.09 12.75
C VAL A 372 2.10 6.43 13.47
N TRP A 373 1.04 6.77 14.21
CA TRP A 373 1.03 7.95 15.08
C TRP A 373 2.32 8.01 15.89
N LEU A 374 2.90 9.21 15.98
CA LEU A 374 4.22 9.39 16.56
C LEU A 374 4.18 9.23 18.08
N GLN A 375 2.98 9.35 18.67
CA GLN A 375 2.82 9.27 20.11
C GLN A 375 2.89 7.81 20.57
N GLN A 376 3.12 6.89 19.63
CA GLN A 376 3.39 5.49 19.92
C GLN A 376 4.61 5.40 20.82
N TYR A 377 5.49 6.41 20.73
CA TYR A 377 6.73 6.45 21.49
C TYR A 377 6.78 7.71 22.35
N TRP A 378 5.60 8.26 22.68
CA TRP A 378 5.49 9.37 23.62
C TRP A 378 4.72 8.91 24.86
N THR A 379 4.80 9.72 25.92
CA THR A 379 4.09 9.45 27.17
C THR A 379 2.70 10.07 27.13
N SER A 380 2.55 11.13 26.32
CA SER A 380 1.29 11.81 26.10
C SER A 380 1.29 12.49 24.74
N GLU A 381 0.19 13.22 24.42
CA GLU A 381 0.07 13.86 23.12
C GLU A 381 -0.71 15.17 23.23
N ALA A 382 -1.39 15.37 24.37
CA ALA A 382 -2.28 16.50 24.56
C ALA A 382 -1.54 17.83 24.38
N ASP A 383 -0.32 17.89 24.90
CA ASP A 383 0.48 19.11 24.89
C ASP A 383 1.02 19.39 23.49
N PHE A 384 1.16 18.33 22.67
CA PHE A 384 1.60 18.48 21.29
C PHE A 384 0.49 19.11 20.47
N HIS A 385 -0.76 18.76 20.79
CA HIS A 385 -1.93 19.36 20.16
C HIS A 385 -1.96 20.85 20.47
N THR A 386 -1.70 21.18 21.75
CA THR A 386 -1.79 22.52 22.28
C THR A 386 -0.81 23.45 21.56
N LEU A 387 0.47 23.04 21.51
CA LEU A 387 1.52 23.88 20.95
C LEU A 387 1.34 24.05 19.45
N THR A 388 0.71 23.05 18.81
CA THR A 388 0.43 23.09 17.38
C THR A 388 -0.59 24.19 17.10
N MET A 389 -1.71 24.15 17.83
CA MET A 389 -2.82 25.08 17.64
C MET A 389 -2.44 26.47 18.12
N ASN A 390 -1.64 26.52 19.21
CA ASN A 390 -1.21 27.78 19.80
C ASN A 390 -0.38 28.58 18.80
N TYR A 391 0.34 27.87 17.92
CA TYR A 391 1.15 28.53 16.90
C TYR A 391 0.25 29.11 15.81
N VAL A 392 -0.82 28.39 15.46
CA VAL A 392 -1.76 28.84 14.46
C VAL A 392 -2.51 30.06 14.99
N LEU A 393 -2.58 30.16 16.33
CA LEU A 393 -3.29 31.24 17.00
C LEU A 393 -2.40 32.48 17.12
N THR A 394 -1.10 32.28 17.34
CA THR A 394 -0.21 33.37 17.71
C THR A 394 0.83 33.64 16.62
N GLY A 395 1.50 32.58 16.14
CA GLY A 395 2.60 32.71 15.21
C GLY A 395 3.92 32.93 15.94
N ASP A 396 3.98 32.50 17.20
CA ASP A 396 5.16 32.58 18.04
C ASP A 396 6.04 31.38 17.76
N LYS A 397 7.10 31.60 16.97
CA LYS A 397 7.97 30.53 16.49
C LYS A 397 8.82 29.99 17.64
N GLN A 398 9.51 30.90 18.34
CA GLN A 398 10.37 30.53 19.44
C GLN A 398 9.55 29.91 20.56
N GLY A 399 8.34 30.44 20.76
CA GLY A 399 7.39 29.92 21.73
C GLY A 399 7.05 28.45 21.46
N MET A 400 6.86 28.11 20.18
CA MET A 400 6.55 26.76 19.76
C MET A 400 7.77 25.85 19.99
N VAL A 401 8.96 26.36 19.65
CA VAL A 401 10.22 25.65 19.85
C VAL A 401 10.39 25.36 21.34
N ASN A 402 10.08 26.36 22.17
CA ASN A 402 10.16 26.25 23.62
C ASN A 402 9.17 25.20 24.12
N ASP A 403 7.97 25.20 23.53
CA ASP A 403 6.89 24.30 23.93
C ASP A 403 7.27 22.86 23.63
N LEU A 404 7.95 22.65 22.49
CA LEU A 404 8.35 21.32 22.05
C LEU A 404 9.36 20.73 23.03
N ASN A 405 10.32 21.55 23.48
CA ASN A 405 11.36 21.12 24.39
C ASN A 405 10.76 20.80 25.76
N ALA A 406 9.78 21.62 26.18
CA ALA A 406 9.12 21.46 27.46
C ALA A 406 8.27 20.19 27.48
N PHE A 407 7.87 19.74 26.29
CA PHE A 407 7.01 18.58 26.13
C PHE A 407 7.85 17.30 26.09
N PHE A 408 9.03 17.38 25.45
CA PHE A 408 9.81 16.19 25.12
C PHE A 408 10.91 15.93 26.14
N ASN A 409 11.32 16.98 26.88
CA ASN A 409 12.39 16.87 27.86
C ASN A 409 12.04 15.85 28.94
N PRO A 410 10.81 15.87 29.54
CA PRO A 410 10.44 14.90 30.57
C PRO A 410 10.49 13.44 30.13
N MET A 411 10.35 13.21 28.81
CA MET A 411 10.33 11.88 28.25
C MET A 411 11.76 11.34 28.12
N LYS A 412 12.71 12.27 27.95
CA LYS A 412 14.11 11.93 27.73
C LYS A 412 14.79 11.60 29.05
N ALA A 413 14.22 12.08 30.15
CA ALA A 413 14.72 11.82 31.49
C ALA A 413 13.84 10.78 32.18
N ASP B 28 35.07 -32.91 5.77
CA ASP B 28 33.90 -33.70 6.27
C ASP B 28 33.04 -32.83 7.18
N GLY B 29 31.75 -33.13 7.21
CA GLY B 29 30.81 -32.46 8.10
C GLY B 29 30.12 -31.27 7.43
N THR B 30 30.52 -30.97 6.19
CA THR B 30 29.94 -29.86 5.43
C THR B 30 28.71 -30.34 4.69
N VAL B 31 27.66 -29.51 4.74
CA VAL B 31 26.35 -29.83 4.18
C VAL B 31 26.14 -28.99 2.92
N THR B 32 25.62 -29.64 1.87
CA THR B 32 25.34 -28.98 0.61
C THR B 32 23.83 -28.92 0.39
N ILE B 33 23.32 -27.70 0.15
CA ILE B 33 21.92 -27.47 -0.16
C ILE B 33 21.81 -26.81 -1.53
N GLU B 34 20.61 -26.90 -2.13
CA GLU B 34 20.36 -26.41 -3.47
C GLU B 34 19.39 -25.23 -3.41
N TYR B 35 19.77 -24.13 -4.06
CA TYR B 35 18.87 -23.03 -4.31
C TYR B 35 18.52 -22.99 -5.80
N PHE B 36 17.23 -23.21 -6.09
CA PHE B 36 16.72 -23.19 -7.45
C PHE B 36 16.26 -21.76 -7.77
N ASN B 37 16.99 -21.10 -8.69
CA ASN B 37 16.79 -19.70 -8.99
C ASN B 37 15.99 -19.56 -10.29
N GLN B 38 15.14 -18.52 -10.33
CA GLN B 38 14.40 -18.15 -11.52
C GLN B 38 14.73 -16.70 -11.88
N LYS B 39 15.36 -15.98 -10.95
CA LYS B 39 15.80 -14.61 -11.16
C LYS B 39 17.12 -14.60 -11.91
N LYS B 40 17.04 -14.75 -13.24
CA LYS B 40 18.20 -14.94 -14.10
C LYS B 40 19.01 -13.65 -14.23
N GLU B 41 18.32 -12.50 -14.11
CA GLU B 41 18.92 -11.19 -14.30
C GLU B 41 19.85 -10.86 -13.12
N MET B 42 19.64 -11.55 -12.00
CA MET B 42 20.27 -11.20 -10.74
C MET B 42 21.20 -12.32 -10.26
N THR B 43 21.62 -13.19 -11.19
CA THR B 43 22.44 -14.35 -10.88
C THR B 43 23.73 -13.93 -10.21
N LYS B 44 24.37 -12.88 -10.75
CA LYS B 44 25.69 -12.43 -10.30
C LYS B 44 25.64 -12.00 -8.83
N THR B 45 24.62 -11.20 -8.48
CA THR B 45 24.48 -10.65 -7.15
C THR B 45 24.08 -11.75 -6.17
N LEU B 46 23.23 -12.67 -6.62
CA LEU B 46 22.73 -13.76 -5.79
C LEU B 46 23.87 -14.71 -5.44
N GLU B 47 24.82 -14.85 -6.37
CA GLU B 47 25.97 -15.73 -6.17
C GLU B 47 26.98 -15.05 -5.24
N GLU B 48 27.03 -13.71 -5.29
CA GLU B 48 27.88 -12.92 -4.41
C GLU B 48 27.36 -13.02 -2.98
N ILE B 49 26.04 -12.99 -2.83
CA ILE B 49 25.36 -13.10 -1.54
C ILE B 49 25.58 -14.50 -0.98
N THR B 50 25.50 -15.51 -1.86
CA THR B 50 25.66 -16.91 -1.49
C THR B 50 27.07 -17.15 -0.95
N ARG B 51 28.08 -16.54 -1.61
CA ARG B 51 29.46 -16.66 -1.20
C ARG B 51 29.65 -16.05 0.19
N ASP B 52 29.00 -14.91 0.43
CA ASP B 52 29.05 -14.22 1.70
C ASP B 52 28.46 -15.10 2.81
N PHE B 53 27.40 -15.84 2.46
CA PHE B 53 26.73 -16.75 3.37
C PHE B 53 27.64 -17.92 3.70
N GLU B 54 28.40 -18.38 2.69
CA GLU B 54 29.28 -19.53 2.82
C GLU B 54 30.48 -19.20 3.68
N LYS B 55 30.94 -17.94 3.62
CA LYS B 55 32.06 -17.46 4.41
C LYS B 55 31.68 -17.44 5.88
N GLU B 56 30.42 -17.08 6.15
CA GLU B 56 29.92 -16.91 7.51
C GLU B 56 29.43 -18.25 8.06
N ASN B 57 29.22 -19.21 7.15
CA ASN B 57 28.79 -20.55 7.52
C ASN B 57 29.69 -21.56 6.84
N PRO B 58 30.91 -21.84 7.39
CA PRO B 58 31.90 -22.66 6.70
C PRO B 58 31.50 -24.12 6.51
N LYS B 59 30.45 -24.55 7.21
CA LYS B 59 29.98 -25.93 7.17
C LYS B 59 28.75 -26.05 6.28
N ILE B 60 28.47 -24.99 5.50
CA ILE B 60 27.33 -24.98 4.59
C ILE B 60 27.79 -24.56 3.20
N LYS B 61 27.47 -25.38 2.21
CA LYS B 61 27.69 -25.06 0.80
C LYS B 61 26.33 -24.98 0.10
N VAL B 62 26.20 -24.00 -0.81
CA VAL B 62 24.95 -23.78 -1.53
C VAL B 62 25.23 -23.83 -3.03
N LYS B 63 24.49 -24.70 -3.73
CA LYS B 63 24.58 -24.81 -5.17
C LYS B 63 23.44 -24.00 -5.79
N VAL B 64 23.81 -22.89 -6.45
CA VAL B 64 22.86 -22.02 -7.12
C VAL B 64 22.57 -22.61 -8.50
N VAL B 65 21.30 -22.92 -8.75
CA VAL B 65 20.89 -23.59 -9.98
C VAL B 65 20.18 -22.59 -10.88
N ASN B 66 20.70 -22.45 -12.11
CA ASN B 66 20.11 -21.65 -13.16
C ASN B 66 20.07 -22.47 -14.44
N VAL B 67 18.86 -22.91 -14.82
CA VAL B 67 18.68 -23.75 -16.00
C VAL B 67 17.68 -23.08 -16.94
N PRO B 68 17.81 -23.26 -18.28
CA PRO B 68 16.79 -22.83 -19.23
C PRO B 68 15.49 -23.59 -19.01
N ASN B 69 14.36 -22.91 -19.30
CA ASN B 69 13.02 -23.45 -19.07
C ASN B 69 12.88 -23.86 -17.61
N ALA B 70 13.27 -22.96 -16.71
CA ALA B 70 13.40 -23.24 -15.29
C ALA B 70 12.06 -23.63 -14.68
N GLY B 71 10.98 -23.01 -15.16
CA GLY B 71 9.63 -23.26 -14.67
C GLY B 71 9.16 -24.68 -14.96
N GLU B 72 9.48 -25.18 -16.16
CA GLU B 72 9.09 -26.51 -16.59
C GLU B 72 9.90 -27.56 -15.85
N VAL B 73 11.19 -27.26 -15.64
CA VAL B 73 12.12 -28.16 -14.96
C VAL B 73 11.67 -28.33 -13.51
N LEU B 74 11.31 -27.20 -12.87
CA LEU B 74 10.85 -27.20 -11.49
C LEU B 74 9.58 -28.04 -11.36
N LYS B 75 8.64 -27.83 -12.29
CA LYS B 75 7.37 -28.54 -12.31
C LYS B 75 7.61 -30.04 -12.41
N THR B 76 8.49 -30.43 -13.35
CA THR B 76 8.82 -31.82 -13.62
C THR B 76 9.43 -32.47 -12.37
N ARG B 77 10.29 -31.71 -11.68
CA ARG B 77 11.04 -32.21 -10.54
C ARG B 77 10.12 -32.38 -9.33
N VAL B 78 9.22 -31.41 -9.12
CA VAL B 78 8.33 -31.40 -7.96
C VAL B 78 7.31 -32.53 -8.09
N LEU B 79 6.77 -32.71 -9.30
CA LEU B 79 5.80 -33.76 -9.58
C LEU B 79 6.47 -35.13 -9.41
N ALA B 80 7.80 -35.15 -9.47
CA ALA B 80 8.57 -36.38 -9.34
C ALA B 80 9.05 -36.55 -7.90
N GLY B 81 8.79 -35.56 -7.05
CA GLY B 81 9.20 -35.59 -5.66
C GLY B 81 10.71 -35.43 -5.51
N ASP B 82 11.30 -34.60 -6.37
CA ASP B 82 12.70 -34.22 -6.30
C ASP B 82 12.77 -32.72 -6.12
N VAL B 83 12.40 -32.26 -4.91
CA VAL B 83 12.22 -30.85 -4.63
C VAL B 83 13.55 -30.26 -4.16
N PRO B 84 14.01 -29.14 -4.77
CA PRO B 84 15.18 -28.40 -4.27
C PRO B 84 14.92 -27.89 -2.85
N ASP B 85 16.01 -27.74 -2.08
CA ASP B 85 15.96 -27.35 -0.68
C ASP B 85 15.30 -25.98 -0.55
N VAL B 86 15.79 -25.01 -1.35
CA VAL B 86 15.23 -23.68 -1.40
C VAL B 86 14.81 -23.41 -2.84
N VAL B 87 13.56 -22.96 -3.01
CA VAL B 87 12.94 -22.82 -4.32
C VAL B 87 12.50 -21.37 -4.53
N ASN B 88 12.98 -20.77 -5.62
CA ASN B 88 12.48 -19.48 -6.08
C ASN B 88 11.19 -19.73 -6.87
N ILE B 89 10.06 -19.51 -6.20
CA ILE B 89 8.74 -19.71 -6.77
C ILE B 89 7.90 -18.46 -6.54
N TYR B 90 7.17 -18.05 -7.57
CA TYR B 90 6.31 -16.87 -7.51
C TYR B 90 5.06 -17.20 -6.71
N PRO B 91 4.77 -16.44 -5.63
CA PRO B 91 3.80 -16.87 -4.61
C PRO B 91 2.33 -16.82 -5.00
N GLN B 92 2.03 -16.22 -6.16
CA GLN B 92 0.67 -16.12 -6.65
C GLN B 92 0.35 -17.30 -7.56
N SER B 93 1.40 -18.00 -8.00
CA SER B 93 1.29 -19.07 -8.99
C SER B 93 0.40 -20.19 -8.46
N ILE B 94 -0.32 -20.82 -9.40
CA ILE B 94 -1.16 -21.98 -9.10
C ILE B 94 -0.27 -23.13 -8.62
N GLU B 95 1.01 -23.08 -9.02
CA GLU B 95 2.00 -24.07 -8.63
C GLU B 95 2.16 -24.08 -7.12
N LEU B 96 2.44 -22.90 -6.53
CA LEU B 96 2.65 -22.79 -5.10
C LEU B 96 1.37 -23.17 -4.36
N GLN B 97 0.22 -22.72 -4.88
CA GLN B 97 -1.08 -22.98 -4.30
C GLN B 97 -1.30 -24.49 -4.17
N GLU B 98 -1.02 -25.23 -5.25
CA GLU B 98 -1.25 -26.67 -5.32
C GLU B 98 -0.22 -27.41 -4.48
N TRP B 99 1.05 -27.01 -4.62
CA TRP B 99 2.15 -27.72 -3.98
C TRP B 99 2.14 -27.49 -2.47
N ALA B 100 1.64 -26.33 -2.04
CA ALA B 100 1.54 -25.99 -0.63
C ALA B 100 0.48 -26.87 0.05
N LYS B 101 -0.60 -27.16 -0.69
CA LYS B 101 -1.69 -28.01 -0.21
C LYS B 101 -1.21 -29.46 -0.12
N ALA B 102 -0.28 -29.83 -1.00
CA ALA B 102 0.20 -31.20 -1.12
C ALA B 102 1.27 -31.49 -0.06
N GLY B 103 1.77 -30.44 0.58
CA GLY B 103 2.75 -30.56 1.64
C GLY B 103 4.18 -30.63 1.10
N VAL B 104 4.40 -29.95 -0.04
CA VAL B 104 5.70 -29.91 -0.69
C VAL B 104 6.62 -28.96 0.08
N PHE B 105 6.03 -27.87 0.60
CA PHE B 105 6.81 -26.79 1.20
C PHE B 105 6.61 -26.73 2.71
N GLU B 106 7.64 -26.23 3.41
CA GLU B 106 7.65 -26.09 4.85
C GLU B 106 6.78 -24.90 5.25
N ASP B 107 6.04 -25.07 6.35
CA ASP B 107 5.22 -24.02 6.92
C ASP B 107 6.13 -22.99 7.59
N LEU B 108 6.04 -21.74 7.13
CA LEU B 108 6.95 -20.69 7.55
C LEU B 108 6.21 -19.66 8.42
N SER B 109 4.98 -20.00 8.82
CA SER B 109 4.08 -19.07 9.49
C SER B 109 4.68 -18.53 10.78
N ASN B 110 5.42 -19.38 11.52
CA ASN B 110 5.87 -19.03 12.86
C ASN B 110 7.39 -18.87 12.89
N LYS B 111 7.99 -18.57 11.73
CA LYS B 111 9.42 -18.27 11.65
C LYS B 111 9.66 -16.86 12.18
N ASP B 112 10.78 -16.70 12.89
CA ASP B 112 11.13 -15.43 13.52
C ASP B 112 11.51 -14.40 12.45
N TYR B 113 12.08 -14.89 11.34
CA TYR B 113 12.60 -14.03 10.28
C TYR B 113 11.46 -13.51 9.40
N LEU B 114 10.25 -14.06 9.58
CA LEU B 114 9.10 -13.71 8.76
C LEU B 114 8.53 -12.37 9.22
N LYS B 115 8.85 -11.97 10.45
CA LYS B 115 8.37 -10.71 11.01
C LYS B 115 9.13 -9.54 10.39
N ARG B 116 10.15 -9.87 9.58
CA ARG B 116 10.95 -8.87 8.87
C ARG B 116 10.26 -8.49 7.56
N VAL B 117 9.19 -9.23 7.22
CA VAL B 117 8.37 -8.93 6.06
C VAL B 117 7.24 -8.00 6.50
N LYS B 118 7.29 -6.75 6.00
CA LYS B 118 6.43 -5.68 6.46
C LYS B 118 5.04 -5.78 5.85
N ASN B 119 4.05 -5.25 6.58
CA ASN B 119 2.71 -5.00 6.11
C ASN B 119 2.01 -6.31 5.70
N GLY B 120 2.48 -7.42 6.28
CA GLY B 120 1.89 -8.73 6.07
C GLY B 120 1.86 -9.13 4.59
N TYR B 121 2.97 -8.89 3.88
CA TYR B 121 3.05 -9.18 2.47
C TYR B 121 3.24 -10.68 2.25
N ALA B 122 3.74 -11.38 3.27
CA ALA B 122 3.92 -12.81 3.23
C ALA B 122 2.58 -13.52 3.41
N GLU B 123 1.71 -12.92 4.24
CA GLU B 123 0.40 -13.48 4.55
C GLU B 123 -0.57 -13.23 3.40
N LYS B 124 -0.17 -12.37 2.46
CA LYS B 124 -0.96 -12.01 1.31
C LYS B 124 -1.14 -13.22 0.40
N TYR B 125 -0.14 -14.11 0.40
CA TYR B 125 -0.12 -15.27 -0.48
C TYR B 125 -0.25 -16.56 0.33
N ALA B 126 -0.88 -16.45 1.51
CA ALA B 126 -1.05 -17.59 2.40
C ALA B 126 -1.99 -18.61 1.76
N VAL B 127 -1.65 -19.89 1.93
CA VAL B 127 -2.46 -20.99 1.44
C VAL B 127 -3.02 -21.74 2.65
N ASN B 128 -4.36 -21.75 2.74
CA ASN B 128 -5.09 -22.30 3.88
C ASN B 128 -4.67 -21.60 5.16
N GLU B 129 -4.47 -20.28 5.06
CA GLU B 129 -4.16 -19.40 6.17
C GLU B 129 -2.79 -19.73 6.76
N LYS B 130 -1.90 -20.25 5.92
CA LYS B 130 -0.54 -20.58 6.32
C LYS B 130 0.45 -20.08 5.27
N VAL B 131 1.57 -19.53 5.73
CA VAL B 131 2.59 -18.94 4.87
C VAL B 131 3.58 -20.02 4.46
N TYR B 132 3.88 -20.08 3.16
CA TYR B 132 4.77 -21.09 2.61
C TYR B 132 5.88 -20.45 1.77
N ASN B 133 5.86 -19.11 1.68
CA ASN B 133 6.78 -18.38 0.82
C ASN B 133 7.17 -17.06 1.47
N VAL B 134 8.44 -16.68 1.33
CA VAL B 134 8.95 -15.40 1.78
C VAL B 134 9.16 -14.51 0.56
N PRO B 135 8.21 -13.58 0.25
CA PRO B 135 8.37 -12.66 -0.88
C PRO B 135 9.17 -11.43 -0.48
N PHE B 136 10.47 -11.46 -0.80
CA PHE B 136 11.40 -10.39 -0.46
C PHE B 136 11.06 -9.14 -1.25
N THR B 137 10.83 -9.30 -2.56
CA THR B 137 10.51 -8.19 -3.44
C THR B 137 9.22 -8.49 -4.21
N ALA B 138 8.63 -7.42 -4.73
CA ALA B 138 7.49 -7.50 -5.64
C ALA B 138 7.89 -6.87 -6.98
N ASN B 139 7.46 -7.49 -8.08
CA ASN B 139 7.69 -6.95 -9.40
C ASN B 139 6.50 -6.07 -9.80
N ALA B 140 6.77 -5.14 -10.73
CA ALA B 140 5.74 -4.30 -11.31
C ALA B 140 5.89 -4.32 -12.83
N TYR B 141 4.88 -3.80 -13.54
CA TYR B 141 4.92 -3.74 -14.99
C TYR B 141 4.55 -2.34 -15.46
N GLY B 142 5.25 -1.87 -16.49
CA GLY B 142 5.00 -0.57 -17.09
C GLY B 142 5.76 -0.38 -18.40
N ILE B 143 5.97 0.88 -18.77
CA ILE B 143 6.68 1.23 -20.00
C ILE B 143 7.94 2.01 -19.63
N TYR B 144 9.09 1.45 -20.02
CA TYR B 144 10.37 2.15 -19.93
C TYR B 144 10.44 3.20 -21.02
N TYR B 145 11.01 4.37 -20.71
CA TYR B 145 11.13 5.43 -21.70
C TYR B 145 12.43 6.22 -21.52
N ASN B 146 12.92 6.74 -22.64
CA ASN B 146 14.10 7.60 -22.71
C ASN B 146 13.68 9.02 -22.33
N LYS B 147 14.16 9.48 -21.17
CA LYS B 147 13.81 10.79 -20.64
C LYS B 147 14.45 11.89 -21.49
N ASP B 148 15.67 11.64 -21.96
CA ASP B 148 16.46 12.61 -22.70
C ASP B 148 15.81 12.92 -24.04
N LYS B 149 15.32 11.88 -24.71
CA LYS B 149 14.70 12.01 -26.02
C LYS B 149 13.32 12.65 -25.88
N PHE B 150 12.65 12.39 -24.75
CA PHE B 150 11.34 12.93 -24.45
C PHE B 150 11.44 14.44 -24.21
N GLU B 151 12.53 14.85 -23.55
CA GLU B 151 12.77 16.26 -23.24
C GLU B 151 13.16 17.00 -24.52
N GLU B 152 13.85 16.28 -25.43
CA GLU B 152 14.38 16.85 -26.66
C GLU B 152 13.23 17.09 -27.65
N LEU B 153 12.32 16.10 -27.75
CA LEU B 153 11.25 16.13 -28.73
C LEU B 153 10.01 16.81 -28.15
N GLY B 154 10.10 17.19 -26.87
CA GLY B 154 9.01 17.89 -26.19
C GLY B 154 7.81 16.98 -25.96
N LEU B 155 8.09 15.73 -25.57
CA LEU B 155 7.05 14.73 -25.33
C LEU B 155 6.84 14.59 -23.82
N LYS B 156 5.58 14.28 -23.45
CA LYS B 156 5.21 14.08 -22.06
C LYS B 156 4.64 12.67 -21.90
N VAL B 157 4.69 12.17 -20.66
CA VAL B 157 4.14 10.88 -20.28
C VAL B 157 2.62 10.92 -20.50
N PRO B 158 2.04 9.91 -21.19
CA PRO B 158 0.60 9.89 -21.45
C PRO B 158 -0.21 9.54 -20.19
N GLU B 159 -1.39 10.15 -20.08
CA GLU B 159 -2.26 9.99 -18.91
C GLU B 159 -3.52 9.22 -19.29
N THR B 160 -3.74 9.06 -20.61
CA THR B 160 -4.90 8.34 -21.13
C THR B 160 -4.46 7.44 -22.28
N TRP B 161 -5.38 6.61 -22.76
CA TRP B 161 -5.15 5.75 -23.92
C TRP B 161 -4.91 6.61 -25.17
N ASP B 162 -5.73 7.66 -25.31
CA ASP B 162 -5.69 8.55 -26.46
C ASP B 162 -4.35 9.27 -26.52
N GLU B 163 -3.82 9.63 -25.35
CA GLU B 163 -2.55 10.33 -25.24
C GLU B 163 -1.40 9.38 -25.57
N PHE B 164 -1.59 8.10 -25.25
CA PHE B 164 -0.59 7.06 -25.51
C PHE B 164 -0.53 6.78 -27.01
N GLU B 165 -1.72 6.77 -27.65
CA GLU B 165 -1.82 6.62 -29.10
C GLU B 165 -1.07 7.75 -29.79
N GLN B 166 -1.33 8.99 -29.32
CA GLN B 166 -0.83 10.20 -29.94
C GLN B 166 0.68 10.30 -29.75
N LEU B 167 1.17 9.86 -28.58
CA LEU B 167 2.59 9.87 -28.27
C LEU B 167 3.35 9.01 -29.28
N VAL B 168 2.83 7.82 -29.56
CA VAL B 168 3.45 6.86 -30.44
C VAL B 168 3.49 7.43 -31.86
N LYS B 169 2.40 8.08 -32.27
CA LYS B 169 2.27 8.66 -33.59
C LYS B 169 3.23 9.85 -33.74
N ASP B 170 3.43 10.58 -32.63
CA ASP B 170 4.28 11.76 -32.62
C ASP B 170 5.74 11.36 -32.78
N ILE B 171 6.12 10.23 -32.18
CA ILE B 171 7.49 9.73 -32.19
C ILE B 171 7.87 9.31 -33.61
N VAL B 172 6.95 8.60 -34.27
CA VAL B 172 7.14 8.12 -35.64
C VAL B 172 7.33 9.32 -36.57
N ALA B 173 6.49 10.36 -36.36
CA ALA B 173 6.47 11.54 -37.21
C ALA B 173 7.76 12.35 -37.02
N LYS B 174 8.39 12.19 -35.86
CA LYS B 174 9.58 12.95 -35.50
C LYS B 174 10.85 12.20 -35.90
N GLY B 175 10.68 10.95 -36.36
CA GLY B 175 11.77 10.19 -36.93
C GLY B 175 12.51 9.31 -35.92
N GLN B 176 11.78 8.87 -34.90
CA GLN B 176 12.31 7.93 -33.91
C GLN B 176 11.40 6.70 -33.88
N THR B 177 11.93 5.60 -33.33
CA THR B 177 11.17 4.36 -33.20
C THR B 177 10.59 4.29 -31.79
N PRO B 178 9.23 4.26 -31.66
CA PRO B 178 8.58 4.22 -30.35
C PRO B 178 8.94 3.01 -29.49
N PHE B 179 8.67 1.80 -30.02
CA PHE B 179 8.72 0.59 -29.21
C PHE B 179 9.80 -0.36 -29.67
N GLY B 180 10.44 -1.01 -28.68
CA GLY B 180 11.22 -2.23 -28.90
C GLY B 180 10.44 -3.44 -28.39
N ILE B 181 9.93 -4.24 -29.32
CA ILE B 181 9.05 -5.36 -29.01
C ILE B 181 9.79 -6.66 -29.31
N ALA B 182 9.81 -7.55 -28.30
CA ALA B 182 10.44 -8.86 -28.41
C ALA B 182 9.43 -9.86 -28.97
N GLY B 183 9.38 -9.97 -30.30
CA GLY B 183 8.41 -10.80 -31.00
C GLY B 183 8.56 -12.29 -30.71
N ALA B 184 9.79 -12.70 -30.37
CA ALA B 184 10.09 -14.09 -30.09
C ALA B 184 9.72 -14.45 -28.65
N ASP B 185 9.75 -13.44 -27.76
CA ASP B 185 9.42 -13.64 -26.36
C ASP B 185 8.07 -13.00 -26.05
N ALA B 186 7.01 -13.83 -26.13
CA ALA B 186 5.64 -13.38 -26.00
C ALA B 186 5.32 -13.00 -24.55
N TRP B 187 6.07 -13.57 -23.60
CA TRP B 187 5.85 -13.38 -22.17
C TRP B 187 6.08 -11.93 -21.77
N THR B 188 6.85 -11.19 -22.59
CA THR B 188 7.23 -9.82 -22.29
C THR B 188 6.01 -8.90 -22.34
N LEU B 189 4.95 -9.35 -23.03
CA LEU B 189 3.76 -8.54 -23.21
C LEU B 189 2.60 -9.07 -22.36
N ASN B 190 2.92 -9.96 -21.41
CA ASN B 190 1.93 -10.52 -20.51
C ASN B 190 1.29 -9.40 -19.69
N GLY B 191 2.14 -8.55 -19.11
CA GLY B 191 1.71 -7.44 -18.27
C GLY B 191 0.90 -6.41 -19.05
N TYR B 192 1.27 -6.20 -20.32
CA TYR B 192 0.66 -5.19 -21.16
C TYR B 192 -0.82 -5.50 -21.38
N ASN B 193 -1.10 -6.74 -21.79
CA ASN B 193 -2.46 -7.15 -22.16
C ASN B 193 -3.31 -7.34 -20.91
N GLN B 194 -2.65 -7.74 -19.81
CA GLN B 194 -3.34 -7.92 -18.54
C GLN B 194 -3.81 -6.57 -18.01
N LEU B 195 -2.97 -5.54 -18.19
CA LEU B 195 -3.29 -4.19 -17.76
C LEU B 195 -4.26 -3.54 -18.75
N ALA B 196 -4.29 -4.06 -19.99
CA ALA B 196 -5.23 -3.61 -21.00
C ALA B 196 -6.65 -3.97 -20.59
N PHE B 197 -6.81 -5.18 -20.03
CA PHE B 197 -8.10 -5.65 -19.55
C PHE B 197 -8.42 -5.01 -18.20
N ALA B 198 -7.37 -4.82 -17.37
CA ALA B 198 -7.52 -4.30 -16.03
C ALA B 198 -8.01 -2.85 -16.07
N THR B 199 -7.46 -2.06 -16.98
CA THR B 199 -7.82 -0.65 -17.12
C THR B 199 -9.19 -0.52 -17.80
N ALA B 200 -9.52 -1.50 -18.63
CA ALA B 200 -10.79 -1.50 -19.36
C ALA B 200 -11.95 -1.83 -18.42
N THR B 201 -11.70 -2.74 -17.47
CA THR B 201 -12.74 -3.22 -16.57
C THR B 201 -12.78 -2.38 -15.30
N GLY B 202 -11.60 -1.95 -14.84
CA GLY B 202 -11.49 -1.06 -13.69
C GLY B 202 -10.76 -1.71 -12.51
N GLY B 203 -10.05 -2.82 -12.77
CA GLY B 203 -9.27 -3.49 -11.75
C GLY B 203 -8.93 -4.92 -12.12
N GLY B 204 -8.17 -5.59 -11.24
CA GLY B 204 -7.71 -6.95 -11.44
C GLY B 204 -8.83 -7.98 -11.26
N LYS B 205 -9.67 -7.76 -10.24
CA LYS B 205 -10.77 -8.65 -9.93
C LYS B 205 -11.83 -8.55 -11.03
N GLU B 206 -12.02 -7.33 -11.55
CA GLU B 206 -13.00 -7.05 -12.58
C GLU B 206 -12.57 -7.69 -13.90
N ALA B 207 -11.25 -7.73 -14.13
CA ALA B 207 -10.67 -8.29 -15.35
C ALA B 207 -10.87 -9.80 -15.38
N ASN B 208 -10.67 -10.45 -14.24
CA ASN B 208 -10.81 -11.89 -14.11
C ASN B 208 -12.29 -12.27 -14.16
N GLN B 209 -13.17 -11.32 -13.81
CA GLN B 209 -14.61 -11.54 -13.82
C GLN B 209 -15.11 -11.56 -15.26
N TYR B 210 -14.46 -10.78 -16.13
CA TYR B 210 -14.81 -10.70 -17.54
C TYR B 210 -14.22 -11.89 -18.29
N LEU B 211 -13.01 -12.30 -17.91
CA LEU B 211 -12.23 -13.27 -18.68
C LEU B 211 -12.45 -14.68 -18.14
N ARG B 212 -12.19 -14.87 -16.85
CA ARG B 212 -12.02 -16.19 -16.27
C ARG B 212 -13.34 -16.71 -15.69
N TYR B 213 -14.08 -15.83 -15.00
CA TYR B 213 -15.23 -16.26 -14.23
C TYR B 213 -16.54 -15.96 -14.97
N SER B 214 -16.43 -15.58 -16.25
CA SER B 214 -17.59 -15.42 -17.11
C SER B 214 -18.05 -16.81 -17.58
N GLN B 215 -19.16 -16.83 -18.32
CA GLN B 215 -19.69 -18.06 -18.89
C GLN B 215 -18.81 -18.49 -20.07
N PRO B 216 -18.83 -19.78 -20.48
CA PRO B 216 -18.15 -20.20 -21.69
C PRO B 216 -18.61 -19.40 -22.92
N ASN B 217 -17.63 -18.84 -23.64
CA ASN B 217 -17.85 -18.09 -24.87
C ASN B 217 -18.60 -16.79 -24.58
N ALA B 218 -18.31 -16.18 -23.44
CA ALA B 218 -18.94 -14.91 -23.07
C ALA B 218 -18.18 -13.75 -23.69
N ILE B 219 -16.89 -13.99 -23.98
CA ILE B 219 -16.02 -12.99 -24.60
C ILE B 219 -16.40 -12.87 -26.08
N LYS B 220 -16.88 -11.68 -26.46
CA LYS B 220 -17.32 -11.42 -27.82
C LYS B 220 -16.66 -10.14 -28.34
N LEU B 221 -16.55 -10.04 -29.66
CA LEU B 221 -15.89 -8.93 -30.34
C LEU B 221 -16.66 -7.64 -30.10
N SER B 222 -17.97 -7.76 -29.88
CA SER B 222 -18.87 -6.62 -29.78
C SER B 222 -18.95 -6.08 -28.35
N ASP B 223 -18.33 -6.80 -27.40
CA ASP B 223 -18.29 -6.38 -26.02
C ASP B 223 -17.51 -5.07 -25.90
N PRO B 224 -18.03 -4.06 -25.16
CA PRO B 224 -17.32 -2.79 -24.98
C PRO B 224 -15.96 -2.93 -24.32
N ILE B 225 -15.82 -3.96 -23.47
CA ILE B 225 -14.57 -4.27 -22.80
C ILE B 225 -13.55 -4.75 -23.83
N MET B 226 -14.01 -5.57 -24.78
CA MET B 226 -13.16 -6.17 -25.79
C MET B 226 -12.69 -5.10 -26.78
N LYS B 227 -13.55 -4.11 -27.04
CA LYS B 227 -13.22 -3.00 -27.93
C LYS B 227 -12.11 -2.16 -27.32
N ASP B 228 -12.17 -1.96 -26.00
CA ASP B 228 -11.20 -1.18 -25.26
C ASP B 228 -9.85 -1.89 -25.26
N ASP B 229 -9.89 -3.22 -25.09
CA ASP B 229 -8.70 -4.05 -25.06
C ASP B 229 -7.96 -3.96 -26.39
N ILE B 230 -8.71 -4.08 -27.48
CA ILE B 230 -8.18 -4.02 -28.84
C ILE B 230 -7.53 -2.66 -29.07
N LYS B 231 -8.17 -1.60 -28.54
CA LYS B 231 -7.70 -0.23 -28.68
C LYS B 231 -6.33 -0.07 -28.01
N VAL B 232 -6.16 -0.70 -26.85
CA VAL B 232 -4.91 -0.63 -26.11
C VAL B 232 -3.85 -1.45 -26.84
N MET B 233 -4.26 -2.58 -27.42
CA MET B 233 -3.37 -3.48 -28.13
C MET B 233 -2.96 -2.87 -29.47
N ASP B 234 -3.81 -1.99 -30.01
CA ASP B 234 -3.59 -1.38 -31.32
C ASP B 234 -2.54 -0.28 -31.24
N ILE B 235 -2.18 0.11 -30.01
CA ILE B 235 -1.13 1.09 -29.77
C ILE B 235 0.20 0.49 -30.22
N LEU B 236 0.31 -0.84 -30.14
CA LEU B 236 1.52 -1.56 -30.53
C LEU B 236 1.48 -1.90 -32.01
N ARG B 237 0.40 -1.49 -32.70
CA ARG B 237 0.20 -1.84 -34.10
C ARG B 237 0.17 -0.59 -34.97
N ILE B 238 0.51 0.56 -34.38
CA ILE B 238 0.57 1.82 -35.10
C ILE B 238 1.72 1.75 -36.11
N ASN B 239 1.53 2.38 -37.27
CA ASN B 239 2.47 2.32 -38.38
C ASN B 239 3.83 2.87 -37.95
N GLY B 240 4.84 1.99 -37.97
CA GLY B 240 6.21 2.34 -37.67
C GLY B 240 6.49 2.41 -36.17
N SER B 241 5.67 1.71 -35.39
CA SER B 241 5.74 1.78 -33.93
C SER B 241 6.88 0.91 -33.40
N LYS B 242 7.26 -0.12 -34.17
CA LYS B 242 8.19 -1.13 -33.71
C LYS B 242 9.45 -1.11 -34.57
N GLN B 243 10.56 -1.64 -34.01
CA GLN B 243 11.83 -1.73 -34.70
C GLN B 243 11.74 -2.77 -35.81
N LYS B 244 12.65 -2.68 -36.79
CA LYS B 244 12.68 -3.64 -37.89
C LYS B 244 13.18 -4.98 -37.37
N ASN B 245 12.52 -6.05 -37.85
CA ASN B 245 12.81 -7.43 -37.47
C ASN B 245 12.44 -7.66 -36.00
N TRP B 246 11.36 -6.99 -35.56
CA TRP B 246 10.85 -7.15 -34.21
C TRP B 246 10.27 -8.55 -34.04
N GLU B 247 9.83 -9.14 -35.16
CA GLU B 247 9.14 -10.43 -35.18
C GLU B 247 10.01 -11.51 -34.55
N GLY B 248 11.33 -11.44 -34.80
CA GLY B 248 12.26 -12.45 -34.34
C GLY B 248 13.17 -11.93 -33.22
N ALA B 249 12.83 -10.77 -32.66
CA ALA B 249 13.61 -10.15 -31.60
C ALA B 249 13.28 -10.79 -30.26
N GLY B 250 14.29 -10.87 -29.38
CA GLY B 250 14.14 -11.46 -28.07
C GLY B 250 14.23 -10.41 -26.95
N TYR B 251 14.16 -10.90 -25.71
CA TYR B 251 14.16 -10.08 -24.51
C TYR B 251 15.50 -9.36 -24.38
N THR B 252 16.59 -10.06 -24.71
CA THR B 252 17.94 -9.52 -24.66
C THR B 252 18.11 -8.47 -25.76
N ASP B 253 17.48 -8.71 -26.91
CA ASP B 253 17.60 -7.86 -28.08
C ASP B 253 16.99 -6.49 -27.82
N VAL B 254 15.83 -6.47 -27.16
CA VAL B 254 15.07 -5.24 -26.97
C VAL B 254 15.67 -4.43 -25.81
N ILE B 255 16.35 -5.12 -24.89
CA ILE B 255 17.07 -4.46 -23.81
C ILE B 255 18.22 -3.65 -24.44
N GLY B 256 18.97 -4.31 -25.32
CA GLY B 256 20.10 -3.68 -26.01
C GLY B 256 19.67 -2.51 -26.88
N ALA B 257 18.54 -2.69 -27.58
CA ALA B 257 18.01 -1.69 -28.50
C ALA B 257 17.55 -0.44 -27.74
N PHE B 258 16.95 -0.65 -26.56
CA PHE B 258 16.47 0.44 -25.72
C PHE B 258 17.66 1.18 -25.12
N ALA B 259 18.68 0.43 -24.70
CA ALA B 259 19.84 0.98 -24.01
C ALA B 259 20.73 1.75 -24.98
N ARG B 260 20.74 1.33 -26.25
CA ARG B 260 21.55 1.98 -27.27
C ARG B 260 20.85 3.25 -27.76
N GLY B 261 19.54 3.35 -27.51
CA GLY B 261 18.74 4.49 -27.90
C GLY B 261 18.15 4.33 -29.29
N ASP B 262 18.04 3.07 -29.74
CA ASP B 262 17.47 2.74 -31.03
C ASP B 262 15.95 2.89 -30.96
N VAL B 263 15.39 2.54 -29.80
CA VAL B 263 13.97 2.72 -29.54
C VAL B 263 13.82 3.62 -28.30
N LEU B 264 12.67 4.30 -28.21
CA LEU B 264 12.44 5.28 -27.15
C LEU B 264 11.74 4.62 -25.96
N MET B 265 10.98 3.55 -26.23
CA MET B 265 10.20 2.88 -25.20
C MET B 265 10.28 1.36 -25.38
N THR B 266 9.99 0.64 -24.29
CA THR B 266 9.82 -0.81 -24.31
C THR B 266 8.94 -1.23 -23.14
N PRO B 267 7.85 -1.99 -23.39
CA PRO B 267 6.99 -2.51 -22.32
C PRO B 267 7.55 -3.78 -21.68
N ASN B 268 7.82 -3.71 -20.38
CA ASN B 268 8.39 -4.83 -19.64
C ASN B 268 8.18 -4.63 -18.15
N GLY B 269 8.54 -5.66 -17.37
CA GLY B 269 8.46 -5.62 -15.92
C GLY B 269 9.66 -4.92 -15.29
N SER B 270 9.61 -4.76 -13.97
CA SER B 270 10.66 -4.08 -13.21
C SER B 270 11.93 -4.92 -13.16
N TRP B 271 11.81 -6.18 -13.60
CA TRP B 271 12.92 -7.13 -13.60
C TRP B 271 13.95 -6.75 -14.67
N ALA B 272 13.55 -5.88 -15.60
CA ALA B 272 14.33 -5.59 -16.79
C ALA B 272 15.40 -4.53 -16.52
N ILE B 273 15.19 -3.70 -15.49
CA ILE B 273 15.98 -2.50 -15.30
C ILE B 273 17.44 -2.81 -15.00
N THR B 274 17.68 -3.91 -14.25
CA THR B 274 19.02 -4.29 -13.86
C THR B 274 19.86 -4.67 -15.08
N ALA B 275 19.19 -5.26 -16.08
CA ALA B 275 19.85 -5.69 -17.31
C ALA B 275 20.10 -4.51 -18.23
N ILE B 276 19.18 -3.54 -18.21
CA ILE B 276 19.27 -2.35 -19.04
C ILE B 276 20.43 -1.49 -18.54
N ASN B 277 20.61 -1.46 -17.21
CA ASN B 277 21.65 -0.67 -16.57
C ASN B 277 23.03 -1.24 -16.89
N GLU B 278 23.10 -2.57 -17.08
CA GLU B 278 24.34 -3.26 -17.34
C GLU B 278 24.81 -3.02 -18.77
N GLN B 279 23.89 -2.56 -19.62
CA GLN B 279 24.21 -2.22 -21.00
C GLN B 279 24.79 -0.80 -21.06
N LYS B 280 24.78 -0.13 -19.91
CA LYS B 280 25.33 1.21 -19.73
C LYS B 280 24.73 2.19 -20.74
N PRO B 281 23.46 2.61 -20.57
CA PRO B 281 22.83 3.56 -21.48
C PRO B 281 23.36 4.97 -21.26
N ASN B 282 23.30 5.79 -22.33
CA ASN B 282 23.83 7.15 -22.31
C ASN B 282 22.68 8.13 -22.25
N PHE B 283 21.73 7.87 -21.33
CA PHE B 283 20.58 8.72 -21.09
C PHE B 283 19.95 8.34 -19.75
N LYS B 284 19.11 9.24 -19.22
CA LYS B 284 18.36 8.98 -18.00
C LYS B 284 17.13 8.14 -18.35
N ILE B 285 16.98 7.01 -17.65
CA ILE B 285 15.86 6.10 -17.86
C ILE B 285 14.70 6.53 -16.97
N GLY B 286 13.49 6.46 -17.54
CA GLY B 286 12.26 6.64 -16.78
C GLY B 286 11.26 5.54 -17.08
N THR B 287 10.19 5.47 -16.28
CA THR B 287 9.10 4.55 -16.50
C THR B 287 7.77 5.27 -16.29
N PHE B 288 6.71 4.75 -16.93
CA PHE B 288 5.36 5.20 -16.67
C PHE B 288 4.40 4.01 -16.70
N MET B 289 3.35 4.11 -15.89
CA MET B 289 2.31 3.09 -15.81
C MET B 289 1.44 3.18 -17.05
N ILE B 290 0.91 2.03 -17.48
CA ILE B 290 -0.06 1.98 -18.56
C ILE B 290 -1.33 2.68 -18.10
N PRO B 291 -1.76 3.76 -18.79
CA PRO B 291 -2.89 4.57 -18.35
C PRO B 291 -4.24 3.89 -18.63
N GLY B 292 -5.30 4.47 -18.07
CA GLY B 292 -6.67 4.04 -18.35
C GLY B 292 -7.29 4.87 -19.46
N LYS B 293 -8.63 4.89 -19.50
CA LYS B 293 -9.38 5.63 -20.49
C LYS B 293 -9.31 7.13 -20.18
N GLU B 294 -9.34 7.46 -18.88
CA GLU B 294 -9.32 8.83 -18.42
C GLU B 294 -8.16 9.02 -17.43
N LYS B 295 -7.91 10.29 -17.07
CA LYS B 295 -6.79 10.66 -16.21
C LYS B 295 -6.97 10.07 -14.83
N GLY B 296 -5.88 9.48 -14.30
CA GLY B 296 -5.85 8.92 -12.96
C GLY B 296 -6.52 7.55 -12.89
N GLN B 297 -6.44 6.79 -13.99
CA GLN B 297 -7.02 5.46 -14.06
C GLN B 297 -5.94 4.43 -14.39
N SER B 298 -4.66 4.84 -14.23
CA SER B 298 -3.53 3.99 -14.55
C SER B 298 -3.37 2.91 -13.49
N LEU B 299 -2.89 1.74 -13.93
CA LEU B 299 -2.69 0.59 -13.06
C LEU B 299 -1.35 -0.07 -13.37
N THR B 300 -0.87 -0.89 -12.42
CA THR B 300 0.29 -1.74 -12.62
C THR B 300 -0.03 -3.14 -12.10
N VAL B 301 0.74 -4.13 -12.56
CA VAL B 301 0.51 -5.53 -12.23
C VAL B 301 1.82 -6.15 -11.75
N GLY B 302 1.72 -7.08 -10.79
CA GLY B 302 2.87 -7.81 -10.30
C GLY B 302 2.58 -8.63 -9.05
N ALA B 303 3.59 -9.38 -8.60
CA ALA B 303 3.55 -10.17 -7.38
C ALA B 303 4.98 -10.41 -6.89
N GLY B 304 5.13 -11.32 -5.93
CA GLY B 304 6.42 -11.67 -5.38
C GLY B 304 7.42 -12.05 -6.49
N ASP B 305 8.59 -11.41 -6.44
CA ASP B 305 9.61 -11.56 -7.48
C ASP B 305 10.71 -12.48 -6.96
N LEU B 306 11.62 -11.92 -6.15
CA LEU B 306 12.51 -12.73 -5.33
C LEU B 306 11.69 -13.29 -4.18
N ALA B 307 11.26 -14.55 -4.32
CA ALA B 307 10.36 -15.19 -3.37
C ALA B 307 10.78 -16.65 -3.20
N TRP B 308 11.12 -17.02 -1.96
CA TRP B 308 11.70 -18.32 -1.68
C TRP B 308 10.74 -19.18 -0.85
N SER B 309 10.74 -20.48 -1.17
CA SER B 309 10.06 -21.50 -0.40
C SER B 309 11.05 -22.61 -0.05
N ILE B 310 10.81 -23.30 1.07
CA ILE B 310 11.67 -24.37 1.54
C ILE B 310 10.94 -25.70 1.41
N SER B 311 11.66 -26.72 0.93
CA SER B 311 11.15 -28.08 0.87
C SER B 311 10.81 -28.56 2.29
N ALA B 312 9.65 -29.20 2.42
CA ALA B 312 9.18 -29.71 3.70
C ALA B 312 9.97 -30.95 4.09
N THR B 313 10.66 -31.54 3.11
CA THR B 313 11.36 -32.81 3.29
C THR B 313 12.85 -32.65 2.99
N THR B 314 13.35 -31.41 3.10
CA THR B 314 14.78 -31.17 3.02
C THR B 314 15.48 -31.88 4.17
N LYS B 315 16.59 -32.56 3.85
CA LYS B 315 17.32 -33.34 4.83
C LYS B 315 18.18 -32.42 5.70
N HIS B 316 18.19 -31.13 5.34
CA HIS B 316 18.97 -30.13 6.05
C HIS B 316 18.11 -28.87 6.28
N PRO B 317 17.12 -28.93 7.20
CA PRO B 317 16.20 -27.81 7.41
C PRO B 317 16.83 -26.61 8.10
N LYS B 318 17.82 -26.86 8.95
CA LYS B 318 18.50 -25.80 9.70
C LYS B 318 19.32 -24.94 8.76
N GLU B 319 19.92 -25.58 7.75
CA GLU B 319 20.78 -24.91 6.78
C GLU B 319 19.93 -24.12 5.79
N ALA B 320 18.82 -24.72 5.35
CA ALA B 320 17.92 -24.13 4.37
C ALA B 320 17.25 -22.89 4.96
N ASN B 321 16.86 -22.97 6.24
CA ASN B 321 16.21 -21.88 6.94
C ASN B 321 17.21 -20.75 7.18
N ALA B 322 18.48 -21.11 7.39
CA ALA B 322 19.56 -20.15 7.64
C ALA B 322 19.83 -19.33 6.38
N PHE B 323 19.68 -19.96 5.21
CA PHE B 323 19.92 -19.32 3.94
C PHE B 323 18.82 -18.30 3.65
N VAL B 324 17.58 -18.64 4.03
CA VAL B 324 16.44 -17.76 3.83
C VAL B 324 16.52 -16.59 4.80
N GLU B 325 16.90 -16.89 6.06
CA GLU B 325 17.04 -15.89 7.11
C GLU B 325 18.08 -14.86 6.71
N TYR B 326 19.14 -15.31 6.02
CA TYR B 326 20.25 -14.47 5.62
C TYR B 326 19.78 -13.39 4.66
N MET B 327 18.84 -13.75 3.77
CA MET B 327 18.34 -12.88 2.73
C MET B 327 17.36 -11.85 3.31
N THR B 328 16.85 -12.14 4.51
CA THR B 328 15.89 -11.26 5.17
C THR B 328 16.62 -10.15 5.94
N ARG B 329 17.94 -10.27 6.04
CA ARG B 329 18.76 -9.31 6.77
C ARG B 329 18.81 -8.00 6.00
N PRO B 330 18.69 -6.83 6.67
CA PRO B 330 18.68 -5.53 5.99
C PRO B 330 19.94 -5.28 5.16
N GLU B 331 21.10 -5.66 5.69
CA GLU B 331 22.39 -5.39 5.07
C GLU B 331 22.59 -6.29 3.84
N VAL B 332 21.92 -7.45 3.84
CA VAL B 332 22.04 -8.40 2.75
C VAL B 332 21.02 -8.04 1.66
N MET B 333 19.82 -7.66 2.09
CA MET B 333 18.73 -7.32 1.19
C MET B 333 19.04 -6.00 0.46
N GLN B 334 19.77 -5.11 1.13
CA GLN B 334 20.16 -3.84 0.57
C GLN B 334 21.10 -4.05 -0.62
N LYS B 335 21.97 -5.06 -0.52
CA LYS B 335 22.92 -5.41 -1.56
C LYS B 335 22.15 -5.86 -2.81
N TYR B 336 21.09 -6.64 -2.61
CA TYR B 336 20.26 -7.12 -3.70
C TYR B 336 19.47 -5.97 -4.31
N TYR B 337 18.87 -5.14 -3.45
CA TYR B 337 17.99 -4.07 -3.88
C TYR B 337 18.74 -3.04 -4.73
N ASP B 338 19.98 -2.75 -4.32
CA ASP B 338 20.79 -1.71 -4.94
C ASP B 338 21.08 -2.05 -6.41
N VAL B 339 20.97 -3.34 -6.76
CA VAL B 339 21.23 -3.81 -8.10
C VAL B 339 19.91 -4.06 -8.83
N ASP B 340 18.96 -4.69 -8.14
CA ASP B 340 17.69 -5.08 -8.72
C ASP B 340 16.80 -3.86 -8.90
N GLY B 341 16.32 -3.30 -7.78
CA GLY B 341 15.58 -2.05 -7.79
C GLY B 341 14.08 -2.23 -7.56
N SER B 342 13.60 -3.47 -7.69
CA SER B 342 12.19 -3.78 -7.53
C SER B 342 11.75 -3.55 -6.09
N PRO B 343 10.50 -3.06 -5.85
CA PRO B 343 10.02 -2.79 -4.50
C PRO B 343 10.15 -3.97 -3.56
N THR B 344 10.61 -3.70 -2.34
CA THR B 344 10.87 -4.74 -1.34
C THR B 344 9.95 -4.54 -0.14
N ALA B 345 9.68 -5.65 0.57
CA ALA B 345 8.83 -5.65 1.75
C ALA B 345 9.67 -5.93 2.99
N ILE B 346 11.00 -6.01 2.82
CA ILE B 346 11.92 -6.33 3.89
C ILE B 346 12.18 -5.08 4.72
N GLU B 347 12.14 -5.25 6.05
CA GLU B 347 12.34 -4.16 7.00
C GLU B 347 13.80 -3.72 6.96
N GLY B 348 14.00 -2.39 7.03
CA GLY B 348 15.31 -1.79 7.21
C GLY B 348 16.08 -1.66 5.90
N VAL B 349 15.35 -1.58 4.78
CA VAL B 349 15.96 -1.41 3.47
C VAL B 349 15.60 -0.01 2.96
N LYS B 350 16.64 0.78 2.66
CA LYS B 350 16.47 2.13 2.13
C LYS B 350 16.13 2.04 0.65
N GLN B 351 14.89 2.43 0.31
CA GLN B 351 14.40 2.38 -1.06
C GLN B 351 14.67 3.72 -1.74
N ALA B 352 14.65 3.69 -3.09
CA ALA B 352 15.05 4.83 -3.90
C ALA B 352 13.94 5.86 -3.98
N GLY B 353 14.29 7.08 -4.42
CA GLY B 353 13.37 8.20 -4.48
C GLY B 353 12.72 8.33 -5.85
N GLU B 354 12.30 9.56 -6.19
CA GLU B 354 11.55 9.84 -7.40
C GLU B 354 12.49 10.03 -8.59
N ASP B 355 13.80 9.92 -8.33
CA ASP B 355 14.81 10.13 -9.35
C ASP B 355 15.19 8.79 -10.00
N SER B 356 14.73 7.69 -9.39
CA SER B 356 15.05 6.35 -9.84
C SER B 356 14.30 6.03 -11.13
N PRO B 357 14.88 5.18 -12.03
CA PRO B 357 14.20 4.78 -13.26
C PRO B 357 12.82 4.15 -13.07
N LEU B 358 12.64 3.43 -11.96
CA LEU B 358 11.43 2.65 -11.71
C LEU B 358 10.39 3.49 -10.97
N ALA B 359 10.68 4.77 -10.75
CA ALA B 359 9.84 5.64 -9.93
C ALA B 359 8.42 5.68 -10.46
N GLY B 360 8.27 5.82 -11.79
CA GLY B 360 6.98 5.91 -12.44
C GLY B 360 6.20 4.60 -12.38
N MET B 361 6.91 3.49 -12.54
CA MET B 361 6.31 2.17 -12.60
C MET B 361 5.85 1.75 -11.21
N THR B 362 6.59 2.18 -10.18
CA THR B 362 6.43 1.65 -8.82
C THR B 362 5.96 2.75 -7.86
N GLU B 363 5.31 3.78 -8.40
CA GLU B 363 4.81 4.89 -7.60
C GLU B 363 3.70 4.38 -6.69
N TYR B 364 2.89 3.44 -7.19
CA TYR B 364 1.74 2.93 -6.48
C TYR B 364 1.91 1.44 -6.18
N ALA B 365 3.12 1.06 -5.79
CA ALA B 365 3.42 -0.32 -5.41
C ALA B 365 2.76 -0.64 -4.08
N PHE B 366 2.21 -1.86 -3.99
CA PHE B 366 1.62 -2.41 -2.78
C PHE B 366 0.27 -1.76 -2.46
N THR B 367 -0.19 -0.88 -3.35
CA THR B 367 -1.49 -0.23 -3.20
C THR B 367 -2.54 -1.01 -3.97
N ASP B 368 -3.76 -0.48 -4.01
CA ASP B 368 -4.87 -1.12 -4.70
C ASP B 368 -4.72 -0.95 -6.21
N ARG B 369 -3.76 -0.11 -6.62
CA ARG B 369 -3.48 0.14 -8.03
C ARG B 369 -2.36 -0.80 -8.52
N HIS B 370 -1.89 -1.66 -7.60
CA HIS B 370 -0.88 -2.67 -7.93
C HIS B 370 -1.50 -4.05 -7.75
N LEU B 371 -2.17 -4.53 -8.80
CA LEU B 371 -2.94 -5.76 -8.75
C LEU B 371 -2.03 -6.97 -8.98
N VAL B 372 -2.47 -8.13 -8.47
CA VAL B 372 -1.74 -9.38 -8.60
C VAL B 372 -1.93 -9.91 -10.01
N TRP B 373 -0.90 -10.60 -10.52
CA TRP B 373 -0.96 -11.28 -11.80
C TRP B 373 -2.27 -12.06 -11.91
N LEU B 374 -2.93 -11.95 -13.06
CA LEU B 374 -4.28 -12.48 -13.25
C LEU B 374 -4.26 -14.00 -13.30
N GLN B 375 -3.10 -14.59 -13.63
CA GLN B 375 -2.97 -16.03 -13.76
C GLN B 375 -2.95 -16.71 -12.39
N GLN B 376 -3.11 -15.90 -11.33
CA GLN B 376 -3.29 -16.39 -9.97
C GLN B 376 -4.52 -17.29 -9.93
N TYR B 377 -5.47 -17.02 -10.85
CA TYR B 377 -6.74 -17.74 -10.90
C TYR B 377 -6.89 -18.45 -12.24
N TRP B 378 -5.78 -18.62 -12.98
CA TRP B 378 -5.76 -19.40 -14.20
C TRP B 378 -5.01 -20.71 -13.97
N THR B 379 -5.12 -21.63 -14.93
CA THR B 379 -4.41 -22.91 -14.87
C THR B 379 -3.06 -22.79 -15.57
N SER B 380 -2.97 -21.88 -16.55
CA SER B 380 -1.74 -21.60 -17.27
C SER B 380 -1.74 -20.14 -17.73
N GLU B 381 -0.68 -19.74 -18.43
CA GLU B 381 -0.53 -18.35 -18.87
C GLU B 381 0.18 -18.27 -20.21
N ALA B 382 0.74 -19.40 -20.66
CA ALA B 382 1.57 -19.44 -21.86
C ALA B 382 0.77 -19.04 -23.10
N ASP B 383 -0.48 -19.52 -23.18
CA ASP B 383 -1.33 -19.31 -24.34
C ASP B 383 -1.82 -17.85 -24.38
N PHE B 384 -1.91 -17.23 -23.19
CA PHE B 384 -2.32 -15.84 -23.09
C PHE B 384 -1.23 -14.92 -23.66
N HIS B 385 0.04 -15.31 -23.46
CA HIS B 385 1.17 -14.61 -24.04
C HIS B 385 1.11 -14.71 -25.55
N THR B 386 0.80 -15.92 -26.03
CA THR B 386 0.83 -16.26 -27.45
C THR B 386 -0.22 -15.45 -28.21
N LEU B 387 -1.45 -15.42 -27.70
CA LEU B 387 -2.56 -14.75 -28.36
C LEU B 387 -2.37 -13.24 -28.33
N THR B 388 -1.59 -12.76 -27.35
CA THR B 388 -1.27 -11.35 -27.22
C THR B 388 -0.32 -10.94 -28.35
N MET B 389 0.76 -11.71 -28.51
CA MET B 389 1.80 -11.43 -29.50
C MET B 389 1.27 -11.71 -30.90
N ASN B 390 0.38 -12.71 -31.02
CA ASN B 390 -0.17 -13.11 -32.30
C ASN B 390 -1.05 -12.00 -32.88
N TYR B 391 -1.69 -11.22 -32.00
CA TYR B 391 -2.50 -10.09 -32.45
C TYR B 391 -1.60 -8.97 -32.94
N VAL B 392 -0.50 -8.73 -32.22
CA VAL B 392 0.46 -7.70 -32.57
C VAL B 392 1.01 -7.98 -33.97
N LEU B 393 1.10 -9.28 -34.30
CA LEU B 393 1.63 -9.73 -35.58
C LEU B 393 0.58 -9.55 -36.68
N THR B 394 -0.62 -10.10 -36.44
CA THR B 394 -1.62 -10.24 -37.49
C THR B 394 -2.58 -9.06 -37.51
N GLY B 395 -3.15 -8.73 -36.33
CA GLY B 395 -4.20 -7.74 -36.23
C GLY B 395 -5.58 -8.36 -36.40
N ASP B 396 -5.62 -9.70 -36.31
CA ASP B 396 -6.84 -10.48 -36.44
C ASP B 396 -7.64 -10.35 -35.14
N LYS B 397 -8.68 -9.51 -35.18
CA LYS B 397 -9.45 -9.15 -34.00
C LYS B 397 -10.34 -10.30 -33.57
N GLN B 398 -10.98 -10.95 -34.55
CA GLN B 398 -11.88 -12.06 -34.29
C GLN B 398 -11.08 -13.29 -33.84
N GLY B 399 -9.87 -13.42 -34.39
CA GLY B 399 -8.96 -14.51 -34.06
C GLY B 399 -8.55 -14.47 -32.58
N MET B 400 -8.33 -13.26 -32.06
CA MET B 400 -7.93 -13.06 -30.67
C MET B 400 -9.08 -13.42 -29.74
N VAL B 401 -10.30 -13.06 -30.14
CA VAL B 401 -11.51 -13.37 -29.39
C VAL B 401 -11.66 -14.88 -29.30
N ASN B 402 -11.40 -15.56 -30.42
CA ASN B 402 -11.48 -17.02 -30.51
C ASN B 402 -10.37 -17.64 -29.67
N ASP B 403 -9.21 -16.98 -29.64
CA ASP B 403 -8.05 -17.45 -28.89
C ASP B 403 -8.33 -17.35 -27.39
N LEU B 404 -8.97 -16.25 -26.98
CA LEU B 404 -9.26 -16.00 -25.57
C LEU B 404 -10.26 -17.03 -25.05
N ASN B 405 -11.32 -17.28 -25.83
CA ASN B 405 -12.36 -18.22 -25.45
C ASN B 405 -11.79 -19.63 -25.35
N ALA B 406 -10.95 -20.00 -26.33
CA ALA B 406 -10.35 -21.33 -26.39
C ALA B 406 -9.39 -21.54 -25.22
N PHE B 407 -8.92 -20.43 -24.64
CA PHE B 407 -7.96 -20.48 -23.55
C PHE B 407 -8.68 -20.61 -22.20
N PHE B 408 -9.82 -19.92 -22.08
CA PHE B 408 -10.50 -19.78 -20.79
C PHE B 408 -11.64 -20.80 -20.64
N ASN B 409 -12.12 -21.34 -21.76
CA ASN B 409 -13.23 -22.29 -21.75
C ASN B 409 -12.89 -23.51 -20.89
N PRO B 410 -11.70 -24.17 -21.07
CA PRO B 410 -11.34 -25.34 -20.26
C PRO B 410 -11.30 -25.09 -18.75
N MET B 411 -11.04 -23.84 -18.36
CA MET B 411 -10.92 -23.46 -16.96
C MET B 411 -12.31 -23.36 -16.34
N LYS B 412 -13.30 -23.03 -17.16
CA LYS B 412 -14.67 -22.83 -16.71
C LYS B 412 -15.38 -24.19 -16.60
N ALA B 413 -14.76 -25.22 -17.20
CA ALA B 413 -15.26 -26.58 -17.15
C ALA B 413 -14.76 -27.27 -15.87
#